data_2FDB
#
_entry.id   2FDB
#
_cell.length_a   170.846
_cell.length_b   46.908
_cell.length_c   109.616
_cell.angle_alpha   90.00
_cell.angle_beta   91.66
_cell.angle_gamma   90.00
#
_symmetry.space_group_name_H-M   'C 1 2 1'
#
loop_
_entity.id
_entity.type
_entity.pdbx_description
1 polymer 'fibroblast growth factor 8 isoform B'
2 polymer 'Fibroblast growth factor receptor 2'
3 water water
#
loop_
_entity_poly.entity_id
_entity_poly.type
_entity_poly.pdbx_seq_one_letter_code
_entity_poly.pdbx_strand_id
1 'polypeptide(L)'
;QVTVQSSPNFTQHVREQSLVTDQLSRRLIRTYQLYSRTSGKHVQVLANKRINAMAEDGDPFAKLIVETDTFGSRVRVRGA
ETGLYICMNKKGKLIAKSNGKGKDCVFTEIVLENNYTALQNAKYEGWYMAFTRKGRPRKGSKTRQHQREVHFMKRLPRGH
HTTE
;
M,N
2 'polypeptide(L)'
;NNKRAPYWTNTEKMEKRLHAVPAANTVKFRCPAGGNPMPTMRWLKNGKEFKQEHRIGGYKVRNQHWSLIMESVVPSDKGN
YTCVVENEYGSINHTYHLDVVERSRHRPILQAGLPANASTVVGGDVEFVCKVYSDAQPHIQWIKHVEKNGSKYGPDGLPY
LKVLKAAGVNTTDKEIEVLYIRNVTFEDAGEYTCLAGNSIGISFHSAWLTVLPAPGREKE
;
P,R
#
# COMPACT_ATOMS: atom_id res chain seq x y z
N PHE A 10 -21.30 -5.20 0.93
CA PHE A 10 -20.98 -5.10 2.38
C PHE A 10 -20.49 -3.72 2.82
N THR A 11 -20.45 -2.78 1.88
CA THR A 11 -20.01 -1.41 2.15
C THR A 11 -20.90 -0.71 3.15
N GLN A 12 -22.19 -0.72 2.90
CA GLN A 12 -23.15 -0.07 3.79
C GLN A 12 -23.10 -0.74 5.16
N HIS A 13 -23.03 -2.08 5.15
CA HIS A 13 -22.97 -2.82 6.40
C HIS A 13 -21.77 -2.36 7.22
N VAL A 14 -20.61 -2.28 6.59
CA VAL A 14 -19.39 -1.86 7.29
C VAL A 14 -19.46 -0.41 7.73
N ARG A 15 -19.98 0.47 6.88
CA ARG A 15 -20.09 1.89 7.26
C ARG A 15 -20.89 1.97 8.55
N GLU A 16 -21.99 1.22 8.60
CA GLU A 16 -22.85 1.21 9.78
C GLU A 16 -22.11 0.61 10.99
N GLN A 17 -21.59 -0.60 10.84
CA GLN A 17 -20.88 -1.27 11.93
C GLN A 17 -19.66 -0.50 12.45
N SER A 18 -19.07 0.34 11.61
CA SER A 18 -17.88 1.11 11.96
C SER A 18 -18.11 2.24 12.95
N LEU A 19 -19.37 2.55 13.21
CA LEU A 19 -19.71 3.64 14.11
C LEU A 19 -19.56 3.29 15.57
N VAL A 20 -19.79 2.03 15.91
CA VAL A 20 -19.70 1.62 17.30
C VAL A 20 -18.99 0.29 17.51
N THR A 21 -18.74 -0.04 18.77
CA THR A 21 -18.07 -1.28 19.13
C THR A 21 -18.89 -2.48 18.67
N ASP A 22 -18.22 -3.49 18.13
CA ASP A 22 -18.93 -4.68 17.67
C ASP A 22 -19.08 -5.60 18.88
N GLN A 23 -20.30 -5.63 19.44
CA GLN A 23 -20.60 -6.42 20.61
C GLN A 23 -21.01 -7.86 20.26
N LEU A 24 -21.12 -8.17 18.98
CA LEU A 24 -21.53 -9.51 18.56
C LEU A 24 -20.45 -10.38 17.93
N SER A 25 -19.24 -9.86 17.82
CA SER A 25 -18.16 -10.64 17.22
C SER A 25 -16.98 -10.82 18.16
N ARG A 26 -16.17 -11.83 17.90
CA ARG A 26 -14.97 -12.05 18.70
C ARG A 26 -14.13 -10.85 18.32
N ARG A 27 -13.46 -10.24 19.29
CA ARG A 27 -12.63 -9.11 18.95
C ARG A 27 -11.17 -9.51 19.02
N LEU A 28 -10.50 -9.40 17.88
CA LEU A 28 -9.12 -9.75 17.69
C LEU A 28 -8.13 -8.96 18.55
N ILE A 29 -7.13 -9.67 19.07
CA ILE A 29 -6.10 -9.05 19.90
C ILE A 29 -4.68 -9.30 19.39
N ARG A 30 -3.90 -8.23 19.28
CA ARG A 30 -2.52 -8.33 18.85
C ARG A 30 -1.67 -7.79 19.99
N THR A 31 -0.49 -8.36 20.17
CA THR A 31 0.38 -7.91 21.24
C THR A 31 1.75 -7.56 20.69
N TYR A 32 2.16 -6.31 20.94
CA TYR A 32 3.43 -5.82 20.45
C TYR A 32 3.87 -4.58 21.22
N GLN A 33 4.96 -3.99 20.76
CA GLN A 33 5.51 -2.80 21.38
C GLN A 33 5.41 -1.64 20.41
N LEU A 34 5.11 -0.45 20.91
CA LEU A 34 5.00 0.71 20.06
C LEU A 34 6.29 1.51 20.14
N TYR A 35 7.06 1.46 19.06
CA TYR A 35 8.32 2.18 19.01
C TYR A 35 8.08 3.61 18.52
N SER A 36 8.64 4.57 19.23
CA SER A 36 8.50 5.97 18.85
C SER A 36 9.66 6.36 17.93
N ARG A 37 9.32 6.90 16.76
CA ARG A 37 10.32 7.32 15.78
C ARG A 37 11.20 8.44 16.34
N THR A 38 10.59 9.36 17.07
CA THR A 38 11.33 10.46 17.63
C THR A 38 12.20 10.09 18.84
N SER A 39 11.65 9.31 19.77
CA SER A 39 12.40 8.96 20.97
C SER A 39 13.34 7.77 20.82
N GLY A 40 13.07 6.89 19.87
CA GLY A 40 13.91 5.72 19.69
C GLY A 40 13.57 4.68 20.74
N LYS A 41 12.58 5.00 21.57
CA LYS A 41 12.18 4.09 22.64
C LYS A 41 10.72 3.66 22.48
N HIS A 42 10.24 2.84 23.41
CA HIS A 42 8.90 2.31 23.36
C HIS A 42 7.89 2.91 24.32
N VAL A 43 6.64 2.95 23.87
CA VAL A 43 5.52 3.45 24.65
C VAL A 43 5.29 2.51 25.83
N GLN A 44 5.14 3.08 27.03
CA GLN A 44 4.90 2.28 28.20
C GLN A 44 3.89 2.95 29.11
N VAL A 45 3.15 2.14 29.87
CA VAL A 45 2.15 2.64 30.81
C VAL A 45 2.64 2.13 32.17
N LEU A 46 2.95 3.04 33.07
CA LEU A 46 3.47 2.69 34.38
C LEU A 46 2.43 2.51 35.48
N ALA A 47 2.86 1.88 36.56
CA ALA A 47 2.01 1.60 37.71
C ALA A 47 1.45 2.88 38.31
N ASN A 48 2.21 3.96 38.24
CA ASN A 48 1.76 5.24 38.77
C ASN A 48 0.89 5.95 37.74
N LYS A 49 0.43 5.18 36.76
CA LYS A 49 -0.44 5.67 35.68
C LYS A 49 0.18 6.67 34.69
N ARG A 50 1.50 6.79 34.74
CA ARG A 50 2.21 7.70 33.83
C ARG A 50 2.45 7.02 32.47
N ILE A 51 2.35 7.78 31.40
CA ILE A 51 2.55 7.28 30.04
C ILE A 51 3.67 8.06 29.35
N ASN A 52 4.64 7.34 28.79
CA ASN A 52 5.74 7.96 28.06
C ASN A 52 6.32 6.97 27.08
N ALA A 53 7.35 7.39 26.34
CA ALA A 53 8.00 6.53 25.36
C ALA A 53 9.49 6.46 25.67
N MET A 54 9.81 5.96 26.86
CA MET A 54 11.19 5.86 27.30
C MET A 54 11.60 4.42 27.65
N ALA A 55 10.73 3.46 27.36
CA ALA A 55 11.02 2.06 27.67
C ALA A 55 11.97 1.36 26.71
N GLU A 56 12.88 0.57 27.26
CA GLU A 56 13.82 -0.19 26.45
C GLU A 56 13.09 -1.39 25.87
N ASP A 57 13.64 -1.96 24.80
CA ASP A 57 13.04 -3.11 24.15
C ASP A 57 12.84 -4.24 25.17
N GLY A 58 11.62 -4.77 25.25
CA GLY A 58 11.35 -5.86 26.17
C GLY A 58 10.88 -5.46 27.57
N ASP A 59 10.84 -4.17 27.86
CA ASP A 59 10.40 -3.72 29.18
C ASP A 59 8.97 -4.20 29.40
N PRO A 60 8.72 -4.93 30.50
CA PRO A 60 7.39 -5.44 30.83
C PRO A 60 6.26 -4.40 30.68
N PHE A 61 6.55 -3.15 31.03
CA PHE A 61 5.54 -2.09 30.95
C PHE A 61 5.33 -1.58 29.53
N ALA A 62 6.13 -2.08 28.59
CA ALA A 62 6.02 -1.67 27.19
C ALA A 62 5.27 -2.71 26.35
N LYS A 63 4.88 -3.82 26.98
CA LYS A 63 4.13 -4.86 26.27
C LYS A 63 2.69 -4.36 26.17
N LEU A 64 2.21 -4.15 24.95
CA LEU A 64 0.86 -3.65 24.77
C LEU A 64 -0.06 -4.69 24.18
N ILE A 65 -1.33 -4.63 24.60
CA ILE A 65 -2.37 -5.53 24.12
C ILE A 65 -3.31 -4.62 23.37
N VAL A 66 -3.41 -4.83 22.06
CA VAL A 66 -4.24 -4.01 21.19
C VAL A 66 -5.41 -4.82 20.69
N GLU A 67 -6.60 -4.45 21.16
CA GLU A 67 -7.84 -5.14 20.80
C GLU A 67 -8.64 -4.31 19.81
N THR A 68 -9.14 -4.94 18.75
CA THR A 68 -9.92 -4.18 17.78
C THR A 68 -11.28 -3.86 18.38
N ASP A 69 -11.75 -2.65 18.10
CA ASP A 69 -13.03 -2.18 18.59
C ASP A 69 -14.11 -2.54 17.58
N THR A 70 -13.81 -2.27 16.32
CA THR A 70 -14.68 -2.54 15.19
C THR A 70 -13.85 -2.31 13.93
N PHE A 71 -14.51 -2.25 12.77
CA PHE A 71 -13.82 -2.03 11.50
C PHE A 71 -13.03 -0.71 11.43
N GLY A 72 -12.28 -0.54 10.33
CA GLY A 72 -11.50 0.66 10.11
C GLY A 72 -10.23 0.70 10.96
N SER A 73 -9.78 -0.46 11.43
CA SER A 73 -8.60 -0.55 12.29
C SER A 73 -8.76 0.30 13.54
N ARG A 74 -9.97 0.36 14.10
CA ARG A 74 -10.21 1.13 15.33
C ARG A 74 -9.89 0.15 16.45
N VAL A 75 -8.93 0.54 17.29
CA VAL A 75 -8.47 -0.31 18.38
C VAL A 75 -8.31 0.41 19.72
N ARG A 76 -8.16 -0.37 20.77
CA ARG A 76 -7.91 0.14 22.12
C ARG A 76 -6.50 -0.37 22.43
N VAL A 77 -5.70 0.47 23.09
CA VAL A 77 -4.34 0.14 23.44
C VAL A 77 -4.21 -0.01 24.95
N ARG A 78 -3.93 -1.23 25.40
CA ARG A 78 -3.83 -1.52 26.81
C ARG A 78 -2.45 -2.03 27.24
N GLY A 79 -1.97 -1.57 28.38
CA GLY A 79 -0.68 -2.04 28.88
C GLY A 79 -0.93 -3.40 29.52
N ALA A 80 -0.31 -4.45 28.99
CA ALA A 80 -0.52 -5.79 29.53
C ALA A 80 -0.16 -5.90 31.01
N GLU A 81 0.93 -5.23 31.42
CA GLU A 81 1.38 -5.29 32.80
C GLU A 81 0.44 -4.61 33.80
N THR A 82 0.06 -3.37 33.53
CA THR A 82 -0.81 -2.61 34.43
C THR A 82 -2.29 -2.81 34.17
N GLY A 83 -2.63 -3.27 32.98
CA GLY A 83 -4.03 -3.45 32.62
C GLY A 83 -4.69 -2.11 32.34
N LEU A 84 -3.88 -1.06 32.25
CA LEU A 84 -4.39 0.29 32.01
C LEU A 84 -4.48 0.65 30.52
N TYR A 85 -5.55 1.36 30.15
CA TYR A 85 -5.77 1.78 28.78
C TYR A 85 -5.18 3.16 28.50
N ILE A 86 -4.67 3.33 27.28
CA ILE A 86 -4.12 4.63 26.88
C ILE A 86 -5.29 5.40 26.27
N CYS A 87 -5.63 6.52 26.90
CA CYS A 87 -6.74 7.35 26.44
C CYS A 87 -6.32 8.80 26.34
N MET A 88 -7.17 9.60 25.71
CA MET A 88 -6.89 11.01 25.53
C MET A 88 -8.05 11.83 26.09
N ASN A 89 -7.74 12.88 26.84
CA ASN A 89 -8.80 13.71 27.38
C ASN A 89 -9.05 14.94 26.49
N LYS A 90 -10.04 15.75 26.86
CA LYS A 90 -10.42 16.94 26.10
C LYS A 90 -9.30 17.93 25.85
N LYS A 91 -8.26 17.86 26.66
CA LYS A 91 -7.12 18.75 26.51
C LYS A 91 -6.04 18.12 25.62
N GLY A 92 -6.35 16.96 25.05
CA GLY A 92 -5.40 16.28 24.19
C GLY A 92 -4.32 15.57 24.98
N LYS A 93 -4.55 15.45 26.28
CA LYS A 93 -3.59 14.80 27.17
C LYS A 93 -3.77 13.29 27.22
N LEU A 94 -2.67 12.56 27.15
CA LEU A 94 -2.74 11.10 27.22
C LEU A 94 -2.87 10.71 28.68
N ILE A 95 -3.89 9.94 29.01
CA ILE A 95 -4.10 9.50 30.37
C ILE A 95 -4.33 7.99 30.41
N ALA A 96 -3.91 7.36 31.50
CA ALA A 96 -4.09 5.92 31.66
C ALA A 96 -5.34 5.67 32.49
N LYS A 97 -6.25 4.84 31.99
CA LYS A 97 -7.50 4.55 32.70
C LYS A 97 -7.80 3.07 32.88
N SER A 98 -8.43 2.75 34.00
CA SER A 98 -8.81 1.38 34.31
C SER A 98 -9.98 0.99 33.41
N ASN A 99 -10.91 1.90 33.21
CA ASN A 99 -12.06 1.65 32.37
C ASN A 99 -11.82 2.26 31.00
N GLY A 100 -11.73 1.41 29.98
CA GLY A 100 -11.50 1.92 28.63
C GLY A 100 -12.69 1.77 27.70
N LYS A 101 -13.89 1.97 28.22
CA LYS A 101 -15.09 1.83 27.39
C LYS A 101 -15.33 3.01 26.44
N GLY A 102 -14.99 4.21 26.89
CA GLY A 102 -15.21 5.39 26.06
C GLY A 102 -14.46 5.50 24.74
N LYS A 103 -15.07 6.24 23.81
CA LYS A 103 -14.50 6.46 22.48
C LYS A 103 -13.14 7.14 22.63
N ASP A 104 -12.95 7.83 23.75
CA ASP A 104 -11.70 8.53 24.04
C ASP A 104 -10.54 7.55 24.17
N CYS A 105 -10.87 6.27 24.33
CA CYS A 105 -9.85 5.23 24.46
C CYS A 105 -9.65 4.48 23.15
N VAL A 106 -10.35 4.92 22.10
CA VAL A 106 -10.25 4.27 20.80
C VAL A 106 -9.40 5.08 19.84
N PHE A 107 -8.53 4.39 19.10
CA PHE A 107 -7.65 5.02 18.12
C PHE A 107 -7.76 4.30 16.78
N THR A 108 -7.59 5.04 15.70
CA THR A 108 -7.61 4.44 14.39
C THR A 108 -6.15 4.24 13.99
N GLU A 109 -5.77 2.99 13.73
CA GLU A 109 -4.39 2.70 13.32
C GLU A 109 -4.27 3.03 11.85
N ILE A 110 -3.32 3.92 11.54
CA ILE A 110 -3.12 4.34 10.16
C ILE A 110 -1.74 3.94 9.65
N VAL A 111 -1.66 3.52 8.40
CA VAL A 111 -0.37 3.19 7.79
C VAL A 111 -0.10 4.41 6.91
N LEU A 112 0.71 5.33 7.41
CA LEU A 112 1.03 6.57 6.69
C LEU A 112 1.67 6.40 5.33
N GLU A 113 1.64 7.47 4.54
CA GLU A 113 2.24 7.45 3.21
C GLU A 113 3.74 7.25 3.27
N ASN A 114 4.36 7.57 4.41
CA ASN A 114 5.80 7.37 4.59
C ASN A 114 6.06 5.99 5.21
N ASN A 115 5.02 5.16 5.27
CA ASN A 115 5.11 3.81 5.81
C ASN A 115 5.24 3.63 7.31
N TYR A 116 5.14 4.72 8.05
CA TYR A 116 5.19 4.65 9.50
C TYR A 116 3.76 4.48 9.99
N THR A 117 3.61 4.09 11.26
CA THR A 117 2.30 3.91 11.88
C THR A 117 1.92 5.19 12.61
N ALA A 118 0.63 5.52 12.61
CA ALA A 118 0.12 6.68 13.33
C ALA A 118 -1.14 6.21 14.04
N LEU A 119 -1.44 6.79 15.20
CA LEU A 119 -2.63 6.42 15.94
C LEU A 119 -3.44 7.70 16.20
N GLN A 120 -4.57 7.77 15.50
CA GLN A 120 -5.49 8.90 15.58
C GLN A 120 -6.63 8.62 16.54
N ASN A 121 -6.86 9.52 17.49
CA ASN A 121 -7.93 9.28 18.46
C ASN A 121 -9.31 9.32 17.80
N ALA A 122 -10.19 8.42 18.24
CA ALA A 122 -11.52 8.30 17.68
C ALA A 122 -12.49 9.40 18.12
N LYS A 123 -12.37 9.81 19.38
CA LYS A 123 -13.24 10.87 19.88
C LYS A 123 -12.81 12.21 19.30
N TYR A 124 -11.52 12.52 19.45
CA TYR A 124 -10.95 13.76 18.95
C TYR A 124 -10.15 13.43 17.68
N GLU A 125 -10.88 13.31 16.57
CA GLU A 125 -10.32 12.95 15.28
C GLU A 125 -9.12 13.72 14.75
N GLY A 126 -8.81 14.87 15.33
CA GLY A 126 -7.66 15.63 14.88
C GLY A 126 -6.43 15.43 15.74
N TRP A 127 -6.58 14.68 16.83
CA TRP A 127 -5.46 14.46 17.73
C TRP A 127 -4.83 13.07 17.60
N TYR A 128 -3.50 13.03 17.67
CA TYR A 128 -2.74 11.80 17.53
C TYR A 128 -1.90 11.49 18.76
N MET A 129 -1.63 10.20 18.96
CA MET A 129 -0.79 9.79 20.07
C MET A 129 0.56 10.29 19.60
N ALA A 130 1.31 10.95 20.48
CA ALA A 130 2.61 11.50 20.09
C ALA A 130 3.55 11.65 21.27
N PHE A 131 4.84 11.60 21.00
CA PHE A 131 5.88 11.74 22.02
C PHE A 131 7.03 12.58 21.48
N THR A 132 7.78 13.21 22.38
CA THR A 132 8.91 14.05 21.98
C THR A 132 10.19 13.22 21.83
N ARG A 133 11.25 13.89 21.39
CA ARG A 133 12.57 13.29 21.21
C ARG A 133 13.04 12.65 22.50
N LYS A 134 12.69 13.26 23.63
CA LYS A 134 13.09 12.75 24.93
C LYS A 134 12.11 11.72 25.47
N GLY A 135 11.09 11.40 24.67
CA GLY A 135 10.11 10.40 25.07
C GLY A 135 8.98 10.90 25.95
N ARG A 136 8.77 12.21 26.00
CA ARG A 136 7.71 12.78 26.82
C ARG A 136 6.41 12.89 26.01
N PRO A 137 5.25 12.80 26.68
CA PRO A 137 3.97 12.91 25.99
C PRO A 137 3.77 14.28 25.37
N ARG A 138 3.17 14.31 24.18
CA ARG A 138 2.91 15.54 23.47
C ARG A 138 1.40 15.74 23.41
N LYS A 139 0.94 16.94 23.75
CA LYS A 139 -0.49 17.26 23.74
C LYS A 139 -1.06 17.07 22.33
N GLY A 140 -2.17 16.35 22.24
CA GLY A 140 -2.79 16.10 20.95
C GLY A 140 -3.07 17.35 20.14
N SER A 141 -3.36 18.45 20.82
CA SER A 141 -3.66 19.73 20.16
C SER A 141 -2.53 20.23 19.27
N LYS A 142 -1.29 19.91 19.62
CA LYS A 142 -0.16 20.35 18.84
C LYS A 142 0.26 19.31 17.80
N THR A 143 -0.53 18.25 17.64
CA THR A 143 -0.16 17.20 16.70
C THR A 143 -0.78 17.27 15.30
N ARG A 144 0.06 17.02 14.31
CA ARG A 144 -0.31 17.02 12.90
C ARG A 144 0.33 15.75 12.32
N GLN A 145 -0.35 15.14 11.37
CA GLN A 145 0.10 13.89 10.76
C GLN A 145 1.53 13.83 10.21
N HIS A 146 2.06 14.97 9.75
CA HIS A 146 3.40 15.00 9.18
C HIS A 146 4.55 15.05 10.19
N GLN A 147 4.25 15.40 11.43
CA GLN A 147 5.29 15.51 12.46
C GLN A 147 5.85 14.14 12.81
N ARG A 148 7.16 14.07 13.01
CA ARG A 148 7.78 12.81 13.37
C ARG A 148 7.33 12.32 14.74
N GLU A 149 6.88 13.25 15.58
CA GLU A 149 6.42 12.91 16.93
C GLU A 149 5.22 11.96 16.90
N VAL A 150 4.46 11.97 15.82
CA VAL A 150 3.28 11.11 15.75
C VAL A 150 3.53 9.79 15.01
N HIS A 151 4.78 9.54 14.63
CA HIS A 151 5.15 8.31 13.92
C HIS A 151 5.67 7.19 14.81
N PHE A 152 5.20 5.99 14.53
CA PHE A 152 5.57 4.80 15.29
C PHE A 152 5.85 3.61 14.37
N MET A 153 6.40 2.55 14.96
CA MET A 153 6.66 1.30 14.26
C MET A 153 6.18 0.26 15.26
N LYS A 154 5.41 -0.72 14.79
CA LYS A 154 4.93 -1.77 15.67
C LYS A 154 6.03 -2.84 15.68
N ARG A 155 6.51 -3.19 16.88
CA ARG A 155 7.59 -4.17 16.99
C ARG A 155 7.19 -5.41 17.77
N LEU A 156 7.71 -6.55 17.35
CA LEU A 156 7.42 -7.82 18.00
C LEU A 156 7.85 -7.77 19.46
N PRO A 157 7.10 -8.44 20.34
CA PRO A 157 7.48 -8.43 21.77
C PRO A 157 8.80 -9.20 21.85
N ARG A 158 9.64 -8.92 22.83
CA ARG A 158 10.89 -9.69 22.89
C ARG A 158 10.87 -10.72 24.01
N LYS B 3 46.98 15.85 21.10
CA LYS B 3 46.27 16.98 21.76
C LYS B 3 44.98 16.53 22.43
N ARG B 4 44.23 15.64 21.77
CA ARG B 4 42.97 15.17 22.35
C ARG B 4 42.37 13.89 21.76
N ALA B 5 41.95 13.00 22.65
CA ALA B 5 41.35 11.73 22.25
C ALA B 5 40.01 11.96 21.57
N PRO B 6 39.51 10.94 20.84
CA PRO B 6 38.23 11.08 20.17
C PRO B 6 37.12 11.22 21.20
N TYR B 7 36.08 11.96 20.84
CA TYR B 7 34.96 12.13 21.75
C TYR B 7 33.74 12.47 20.92
N TRP B 8 32.58 12.02 21.37
CA TRP B 8 31.34 12.29 20.66
C TRP B 8 31.00 13.77 20.82
N THR B 9 30.66 14.41 19.71
CA THR B 9 30.33 15.82 19.73
C THR B 9 28.82 16.08 19.73
N ASN B 10 28.02 15.02 19.66
CA ASN B 10 26.56 15.17 19.64
C ASN B 10 25.90 13.90 20.18
N THR B 11 25.98 13.68 21.49
CA THR B 11 25.39 12.49 22.08
C THR B 11 23.88 12.44 21.89
N GLU B 12 23.32 13.53 21.38
CA GLU B 12 21.88 13.61 21.14
C GLU B 12 21.41 12.46 20.24
N LYS B 13 21.84 12.49 18.99
CA LYS B 13 21.45 11.47 18.02
C LYS B 13 21.85 10.06 18.47
N MET B 14 23.01 9.95 19.11
CA MET B 14 23.52 8.66 19.56
C MET B 14 22.66 8.03 20.64
N GLU B 15 21.92 8.85 21.38
CA GLU B 15 21.06 8.34 22.44
C GLU B 15 19.98 7.43 21.85
N LYS B 16 19.67 7.65 20.58
CA LYS B 16 18.67 6.83 19.88
C LYS B 16 19.38 5.61 19.32
N ARG B 17 19.69 4.67 20.20
CA ARG B 17 20.39 3.44 19.84
C ARG B 17 19.62 2.50 18.94
N LEU B 18 18.30 2.44 19.12
CA LEU B 18 17.49 1.55 18.29
C LEU B 18 16.80 2.30 17.17
N HIS B 19 17.07 1.88 15.95
CA HIS B 19 16.43 2.46 14.77
C HIS B 19 15.50 1.39 14.23
N ALA B 20 14.20 1.59 14.38
CA ALA B 20 13.20 0.65 13.87
C ALA B 20 12.57 1.40 12.70
N VAL B 21 12.70 0.85 11.50
CA VAL B 21 12.18 1.52 10.31
C VAL B 21 11.48 0.62 9.31
N PRO B 22 10.66 1.19 8.43
CA PRO B 22 9.99 0.35 7.46
C PRO B 22 10.96 0.01 6.33
N ALA B 23 10.75 -1.15 5.70
CA ALA B 23 11.58 -1.57 4.59
C ALA B 23 11.45 -0.51 3.50
N ALA B 24 12.51 -0.37 2.70
CA ALA B 24 12.59 0.59 1.59
C ALA B 24 13.00 1.98 2.04
N ASN B 25 13.29 2.13 3.33
CA ASN B 25 13.75 3.41 3.87
C ASN B 25 15.27 3.47 3.77
N THR B 26 15.81 4.68 3.82
CA THR B 26 17.24 4.87 3.84
C THR B 26 17.61 5.01 5.31
N VAL B 27 18.60 4.26 5.76
CA VAL B 27 19.03 4.34 7.16
C VAL B 27 20.39 5.04 7.26
N LYS B 28 20.48 6.03 8.13
CA LYS B 28 21.72 6.76 8.32
C LYS B 28 22.12 6.75 9.79
N PHE B 29 23.28 6.17 10.08
CA PHE B 29 23.79 6.12 11.45
C PHE B 29 24.90 7.16 11.54
N ARG B 30 24.89 7.95 12.61
CA ARG B 30 25.89 8.99 12.79
C ARG B 30 26.59 8.93 14.14
N CYS B 31 27.88 9.26 14.13
CA CYS B 31 28.68 9.29 15.34
C CYS B 31 29.63 10.48 15.27
N PRO B 32 29.06 11.71 15.29
CA PRO B 32 29.83 12.95 15.23
C PRO B 32 31.00 12.86 16.20
N ALA B 33 32.23 12.94 15.70
CA ALA B 33 33.39 12.82 16.57
C ALA B 33 34.37 13.98 16.52
N GLY B 34 35.05 14.18 17.64
CA GLY B 34 36.05 15.24 17.75
C GLY B 34 37.39 14.61 18.08
N GLY B 35 38.42 15.44 18.19
CA GLY B 35 39.74 14.93 18.51
C GLY B 35 40.84 15.54 17.66
N ASN B 36 42.06 15.54 18.18
CA ASN B 36 43.22 16.09 17.47
C ASN B 36 44.41 15.15 17.65
N PRO B 37 44.98 14.65 16.55
CA PRO B 37 44.51 14.94 15.19
C PRO B 37 43.11 14.37 14.93
N MET B 38 42.55 14.71 13.78
CA MET B 38 41.22 14.20 13.44
C MET B 38 41.21 12.69 13.46
N PRO B 39 40.25 12.10 14.17
CA PRO B 39 40.17 10.64 14.26
C PRO B 39 39.58 9.98 13.01
N THR B 40 39.98 8.74 12.78
CA THR B 40 39.48 7.97 11.64
C THR B 40 38.28 7.16 12.12
N MET B 41 37.46 6.71 11.17
CA MET B 41 36.26 5.95 11.51
C MET B 41 36.10 4.68 10.67
N ARG B 42 35.61 3.63 11.31
CA ARG B 42 35.37 2.34 10.68
C ARG B 42 33.99 1.87 11.16
N TRP B 43 33.34 1.04 10.36
CA TRP B 43 32.05 0.54 10.74
C TRP B 43 32.03 -0.97 10.76
N LEU B 44 31.37 -1.54 11.76
CA LEU B 44 31.25 -2.98 11.89
C LEU B 44 29.79 -3.37 11.87
N LYS B 45 29.50 -4.55 11.34
CA LYS B 45 28.14 -5.06 11.34
C LYS B 45 28.21 -6.32 12.19
N ASN B 46 27.41 -6.38 13.25
CA ASN B 46 27.43 -7.55 14.12
C ASN B 46 28.84 -7.89 14.62
N GLY B 47 29.60 -6.86 15.00
CA GLY B 47 30.93 -7.09 15.53
C GLY B 47 32.08 -7.30 14.55
N LYS B 48 31.79 -7.53 13.28
CA LYS B 48 32.84 -7.75 12.31
C LYS B 48 32.87 -6.65 11.23
N GLU B 49 33.97 -6.56 10.50
CA GLU B 49 34.13 -5.56 9.45
C GLU B 49 32.94 -5.55 8.47
N PHE B 50 32.35 -4.38 8.28
CA PHE B 50 31.23 -4.24 7.36
C PHE B 50 31.78 -4.00 5.95
N LYS B 51 31.61 -4.97 5.08
CA LYS B 51 32.09 -4.89 3.70
C LYS B 51 30.96 -4.52 2.74
N GLN B 52 31.35 -3.96 1.60
CA GLN B 52 30.39 -3.55 0.58
C GLN B 52 29.53 -4.73 0.14
N GLU B 53 30.17 -5.89 -0.02
CA GLU B 53 29.48 -7.10 -0.47
C GLU B 53 28.54 -7.72 0.55
N HIS B 54 28.51 -7.18 1.77
CA HIS B 54 27.64 -7.74 2.80
C HIS B 54 26.14 -7.49 2.56
N ARG B 55 25.81 -6.60 1.61
CA ARG B 55 24.41 -6.35 1.31
C ARG B 55 24.30 -5.86 -0.12
N ILE B 56 23.14 -6.10 -0.73
CA ILE B 56 22.90 -5.68 -2.09
C ILE B 56 22.94 -4.16 -2.14
N GLY B 57 23.73 -3.63 -3.07
CA GLY B 57 23.85 -2.19 -3.19
C GLY B 57 24.85 -1.60 -2.21
N GLY B 58 25.50 -2.44 -1.42
CA GLY B 58 26.49 -1.95 -0.47
C GLY B 58 26.01 -0.81 0.42
N TYR B 59 26.93 0.08 0.78
CA TYR B 59 26.59 1.22 1.62
C TYR B 59 27.50 2.39 1.31
N LYS B 60 27.21 3.53 1.90
CA LYS B 60 28.01 4.73 1.68
C LYS B 60 28.44 5.32 3.02
N VAL B 61 29.57 6.00 3.03
CA VAL B 61 30.06 6.65 4.26
C VAL B 61 30.40 8.09 3.94
N ARG B 62 29.89 9.01 4.76
CA ARG B 62 30.17 10.43 4.59
C ARG B 62 31.02 10.86 5.78
N ASN B 63 32.34 10.79 5.62
CA ASN B 63 33.27 11.14 6.69
C ASN B 63 33.02 12.49 7.34
N GLN B 64 32.62 13.47 6.53
CA GLN B 64 32.34 14.80 7.05
C GLN B 64 31.14 14.83 7.98
N HIS B 65 30.30 13.80 7.89
CA HIS B 65 29.13 13.73 8.75
C HIS B 65 29.23 12.53 9.67
N TRP B 66 30.38 11.86 9.66
CA TRP B 66 30.62 10.68 10.48
C TRP B 66 29.41 9.76 10.36
N SER B 67 29.04 9.43 9.13
CA SER B 67 27.86 8.61 8.94
C SER B 67 27.96 7.40 8.04
N LEU B 68 27.14 6.40 8.36
CA LEU B 68 27.03 5.18 7.60
C LEU B 68 25.64 5.26 6.99
N ILE B 69 25.55 5.09 5.68
CA ILE B 69 24.29 5.17 4.98
C ILE B 69 23.90 3.89 4.26
N MET B 70 22.71 3.37 4.57
CA MET B 70 22.23 2.15 3.91
C MET B 70 20.91 2.48 3.24
N GLU B 71 20.89 2.39 1.93
CA GLU B 71 19.70 2.69 1.15
C GLU B 71 18.76 1.50 0.94
N SER B 72 17.46 1.80 0.88
CA SER B 72 16.43 0.81 0.64
C SER B 72 16.63 -0.43 1.48
N VAL B 73 16.65 -0.26 2.80
CA VAL B 73 16.88 -1.39 3.69
C VAL B 73 15.80 -2.46 3.57
N VAL B 74 16.22 -3.70 3.80
CA VAL B 74 15.35 -4.86 3.76
C VAL B 74 15.53 -5.59 5.09
N PRO B 75 14.66 -6.55 5.41
CA PRO B 75 14.75 -7.32 6.66
C PRO B 75 16.11 -7.93 6.96
N SER B 76 16.82 -8.37 5.93
CA SER B 76 18.13 -8.96 6.15
C SER B 76 19.15 -7.92 6.65
N ASP B 77 18.76 -6.66 6.72
CA ASP B 77 19.65 -5.61 7.21
C ASP B 77 19.60 -5.50 8.73
N LYS B 78 18.65 -6.20 9.35
CA LYS B 78 18.51 -6.17 10.80
C LYS B 78 19.84 -6.58 11.43
N GLY B 79 20.19 -5.96 12.56
CA GLY B 79 21.44 -6.30 13.22
C GLY B 79 22.04 -5.13 13.98
N ASN B 80 23.31 -5.27 14.37
CA ASN B 80 24.01 -4.23 15.12
C ASN B 80 25.06 -3.59 14.24
N TYR B 81 25.21 -2.27 14.39
CA TYR B 81 26.19 -1.54 13.62
C TYR B 81 26.99 -0.69 14.59
N THR B 82 28.30 -0.92 14.59
CA THR B 82 29.23 -0.26 15.49
C THR B 82 30.20 0.66 14.75
N CYS B 83 30.31 1.89 15.25
CA CYS B 83 31.24 2.83 14.65
C CYS B 83 32.43 2.87 15.60
N VAL B 84 33.63 2.74 15.04
CA VAL B 84 34.86 2.76 15.83
C VAL B 84 35.67 3.97 15.37
N VAL B 85 35.81 4.95 16.26
CA VAL B 85 36.54 6.18 15.97
C VAL B 85 37.86 6.20 16.74
N GLU B 86 38.95 6.55 16.08
CA GLU B 86 40.23 6.56 16.77
C GLU B 86 41.36 7.38 16.17
N ASN B 87 42.29 7.78 17.04
CA ASN B 87 43.49 8.52 16.67
C ASN B 87 44.59 8.02 17.60
N GLU B 88 45.69 8.75 17.69
CA GLU B 88 46.81 8.34 18.54
C GLU B 88 46.51 8.33 20.03
N TYR B 89 45.64 9.24 20.48
CA TYR B 89 45.31 9.36 21.89
C TYR B 89 44.17 8.46 22.39
N GLY B 90 43.59 7.63 21.53
CA GLY B 90 42.53 6.75 21.99
C GLY B 90 41.59 6.23 20.93
N SER B 91 40.71 5.31 21.33
CA SER B 91 39.74 4.71 20.45
C SER B 91 38.43 4.45 21.20
N ILE B 92 37.31 4.84 20.61
CA ILE B 92 36.00 4.64 21.23
C ILE B 92 35.02 4.09 20.20
N ASN B 93 33.94 3.47 20.69
CA ASN B 93 32.93 2.93 19.80
C ASN B 93 31.52 3.07 20.35
N HIS B 94 30.56 3.03 19.45
CA HIS B 94 29.16 3.13 19.78
C HIS B 94 28.39 2.15 18.90
N THR B 95 27.43 1.43 19.47
CA THR B 95 26.66 0.47 18.70
C THR B 95 25.18 0.82 18.56
N TYR B 96 24.71 0.81 17.31
CA TYR B 96 23.31 1.07 16.99
C TYR B 96 22.66 -0.26 16.66
N HIS B 97 21.35 -0.37 16.87
CA HIS B 97 20.64 -1.59 16.55
C HIS B 97 19.57 -1.24 15.49
N LEU B 98 19.51 -2.05 14.45
CA LEU B 98 18.55 -1.80 13.37
C LEU B 98 17.49 -2.87 13.25
N ASP B 99 16.24 -2.44 13.22
CA ASP B 99 15.12 -3.35 13.04
C ASP B 99 14.41 -2.83 11.79
N VAL B 100 14.14 -3.71 10.83
CA VAL B 100 13.47 -3.32 9.60
C VAL B 100 12.19 -4.11 9.47
N VAL B 101 11.07 -3.42 9.24
CA VAL B 101 9.78 -4.06 9.11
C VAL B 101 9.11 -3.79 7.76
N GLU B 102 8.70 -4.84 7.07
CA GLU B 102 8.02 -4.70 5.78
C GLU B 102 6.61 -4.21 6.08
N ARG B 103 6.20 -3.11 5.47
CA ARG B 103 4.86 -2.56 5.69
C ARG B 103 3.95 -2.68 4.47
N SER B 104 2.65 -2.59 4.71
CA SER B 104 1.66 -2.67 3.63
C SER B 104 0.54 -1.67 3.82
N ARG B 105 0.22 -0.91 2.77
CA ARG B 105 -0.86 0.07 2.83
C ARG B 105 -2.08 -0.44 2.06
N HIS B 106 -2.31 -1.75 2.12
CA HIS B 106 -3.41 -2.40 1.42
C HIS B 106 -4.52 -2.92 2.33
N ARG B 107 -5.69 -3.18 1.75
CA ARG B 107 -6.81 -3.72 2.50
C ARG B 107 -6.49 -5.18 2.78
N PRO B 108 -7.22 -5.85 3.70
CA PRO B 108 -6.95 -7.26 4.02
C PRO B 108 -6.99 -8.23 2.85
N ILE B 109 -6.24 -9.32 2.98
CA ILE B 109 -6.21 -10.36 1.97
C ILE B 109 -6.58 -11.66 2.66
N LEU B 110 -7.54 -12.37 2.09
CA LEU B 110 -7.97 -13.63 2.68
C LEU B 110 -7.40 -14.79 1.87
N GLN B 111 -7.27 -15.94 2.50
CA GLN B 111 -6.76 -17.11 1.81
C GLN B 111 -7.84 -17.65 0.88
N ALA B 112 -7.49 -17.86 -0.38
CA ALA B 112 -8.44 -18.38 -1.36
C ALA B 112 -8.92 -19.77 -0.91
N GLY B 113 -10.21 -20.05 -1.12
CA GLY B 113 -10.77 -21.34 -0.74
C GLY B 113 -11.33 -21.41 0.67
N LEU B 114 -11.06 -20.40 1.48
CA LEU B 114 -11.56 -20.38 2.85
C LEU B 114 -12.43 -19.16 3.10
N PRO B 115 -13.59 -19.35 3.76
CA PRO B 115 -14.11 -20.64 4.25
C PRO B 115 -14.57 -21.52 3.11
N ALA B 116 -14.39 -22.84 3.27
CA ALA B 116 -14.80 -23.79 2.24
C ALA B 116 -16.25 -24.19 2.41
N ASN B 117 -16.87 -24.60 1.30
CA ASN B 117 -18.26 -25.04 1.32
C ASN B 117 -18.29 -26.31 2.17
N ALA B 118 -19.42 -26.59 2.79
CA ALA B 118 -19.53 -27.78 3.62
C ALA B 118 -20.92 -28.39 3.57
N SER B 119 -20.97 -29.71 3.75
CA SER B 119 -22.23 -30.44 3.71
C SER B 119 -22.26 -31.41 4.88
N THR B 120 -23.45 -31.58 5.47
CA THR B 120 -23.58 -32.49 6.60
C THR B 120 -25.02 -32.93 6.79
N VAL B 121 -25.19 -34.08 7.44
CA VAL B 121 -26.51 -34.58 7.72
C VAL B 121 -26.97 -33.88 9.00
N VAL B 122 -28.26 -33.56 9.09
CA VAL B 122 -28.81 -32.90 10.27
C VAL B 122 -28.21 -33.49 11.54
N GLY B 123 -28.01 -32.65 12.55
CA GLY B 123 -27.45 -33.12 13.80
C GLY B 123 -25.94 -33.26 13.80
N GLY B 124 -25.34 -33.15 12.61
CA GLY B 124 -23.89 -33.26 12.51
C GLY B 124 -23.24 -31.93 12.84
N ASP B 125 -21.92 -31.93 12.95
CA ASP B 125 -21.16 -30.72 13.25
C ASP B 125 -20.34 -30.27 12.06
N VAL B 126 -20.21 -28.95 11.92
CA VAL B 126 -19.44 -28.37 10.82
C VAL B 126 -18.63 -27.16 11.28
N GLU B 127 -17.60 -26.82 10.53
CA GLU B 127 -16.77 -25.68 10.86
C GLU B 127 -16.41 -24.92 9.60
N PHE B 128 -16.09 -23.65 9.76
CA PHE B 128 -15.70 -22.78 8.67
C PHE B 128 -14.44 -22.05 9.11
N VAL B 129 -13.44 -22.05 8.26
CA VAL B 129 -12.18 -21.42 8.57
C VAL B 129 -11.89 -20.22 7.69
N CYS B 130 -11.22 -19.22 8.26
CA CYS B 130 -10.86 -18.04 7.50
C CYS B 130 -9.50 -17.58 7.97
N LYS B 131 -8.63 -17.24 7.03
CA LYS B 131 -7.29 -16.79 7.34
C LYS B 131 -7.13 -15.42 6.71
N VAL B 132 -6.82 -14.44 7.54
CA VAL B 132 -6.69 -13.05 7.11
C VAL B 132 -5.28 -12.48 7.30
N TYR B 133 -4.78 -11.84 6.24
CA TYR B 133 -3.46 -11.20 6.26
C TYR B 133 -3.73 -9.70 6.20
N SER B 134 -3.19 -8.97 7.16
CA SER B 134 -3.39 -7.52 7.21
C SER B 134 -2.37 -6.85 8.12
N ASP B 135 -1.65 -5.89 7.58
CA ASP B 135 -0.66 -5.15 8.37
C ASP B 135 -1.46 -4.33 9.37
N ALA B 136 -2.27 -3.40 8.87
CA ALA B 136 -3.13 -2.58 9.74
C ALA B 136 -4.05 -3.54 10.49
N GLN B 137 -4.21 -3.35 11.80
CA GLN B 137 -5.04 -4.27 12.56
C GLN B 137 -6.45 -4.41 11.97
N PRO B 138 -6.83 -5.64 11.63
CA PRO B 138 -8.16 -5.83 11.06
C PRO B 138 -9.21 -6.22 12.06
N HIS B 139 -10.46 -6.13 11.62
CA HIS B 139 -11.57 -6.60 12.41
C HIS B 139 -12.20 -7.65 11.50
N ILE B 140 -12.70 -8.73 12.10
CA ILE B 140 -13.32 -9.80 11.34
C ILE B 140 -14.71 -10.16 11.84
N GLN B 141 -15.65 -10.33 10.92
CA GLN B 141 -17.02 -10.72 11.27
C GLN B 141 -17.48 -11.92 10.47
N TRP B 142 -18.17 -12.84 11.13
CA TRP B 142 -18.72 -13.99 10.45
C TRP B 142 -20.18 -13.62 10.28
N ILE B 143 -20.65 -13.67 9.06
CA ILE B 143 -22.01 -13.28 8.76
C ILE B 143 -22.87 -14.33 8.07
N LYS B 144 -24.05 -14.56 8.63
CA LYS B 144 -25.00 -15.49 8.07
C LYS B 144 -25.99 -14.69 7.24
N HIS B 145 -26.16 -15.09 5.99
CA HIS B 145 -27.12 -14.43 5.12
C HIS B 145 -28.47 -15.04 5.48
N VAL B 146 -29.22 -14.35 6.33
CA VAL B 146 -30.53 -14.84 6.75
C VAL B 146 -31.64 -13.97 6.19
N TYR B 160 -30.50 -8.84 4.79
CA TYR B 160 -30.69 -9.50 6.08
C TYR B 160 -29.42 -10.23 6.50
N LEU B 161 -28.65 -9.62 7.38
CA LEU B 161 -27.40 -10.20 7.83
C LEU B 161 -27.35 -10.41 9.35
N LYS B 162 -26.93 -11.59 9.76
CA LYS B 162 -26.82 -11.89 11.19
C LYS B 162 -25.36 -12.13 11.52
N VAL B 163 -24.83 -11.32 12.43
CA VAL B 163 -23.44 -11.46 12.85
C VAL B 163 -23.32 -12.59 13.87
N LEU B 164 -22.48 -13.58 13.56
CA LEU B 164 -22.29 -14.73 14.45
C LEU B 164 -20.97 -14.59 15.20
N LYS B 165 -20.91 -15.17 16.40
CA LYS B 165 -19.70 -15.13 17.22
C LYS B 165 -18.87 -16.38 17.00
N ALA B 166 -17.60 -16.18 16.63
CA ALA B 166 -16.67 -17.27 16.35
C ALA B 166 -15.46 -17.24 17.28
N ALA B 167 -14.59 -18.23 17.13
CA ALA B 167 -13.36 -18.33 17.90
C ALA B 167 -12.20 -18.08 16.94
N GLY B 168 -11.01 -17.88 17.48
CA GLY B 168 -9.87 -17.65 16.62
C GLY B 168 -8.61 -17.41 17.42
N VAL B 169 -7.50 -17.24 16.71
CA VAL B 169 -6.23 -16.99 17.36
C VAL B 169 -5.42 -16.06 16.48
N ASN B 170 -4.60 -15.24 17.11
CA ASN B 170 -3.74 -14.34 16.37
C ASN B 170 -2.36 -14.98 16.27
N THR B 171 -1.75 -14.88 15.09
CA THR B 171 -0.43 -15.43 14.87
C THR B 171 0.42 -14.31 14.30
N THR B 172 1.73 -14.52 14.29
CA THR B 172 2.64 -13.50 13.79
C THR B 172 2.28 -12.98 12.40
N ASP B 173 1.98 -13.87 11.46
CA ASP B 173 1.65 -13.41 10.11
C ASP B 173 0.21 -13.49 9.64
N LYS B 174 -0.73 -13.70 10.56
CA LYS B 174 -2.13 -13.77 10.16
C LYS B 174 -3.10 -14.08 11.29
N GLU B 175 -4.36 -13.76 11.04
CA GLU B 175 -5.41 -14.04 11.98
C GLU B 175 -6.02 -15.32 11.47
N ILE B 176 -6.36 -16.22 12.37
CA ILE B 176 -7.01 -17.44 11.95
C ILE B 176 -8.27 -17.58 12.77
N GLU B 177 -9.39 -17.65 12.08
CA GLU B 177 -10.65 -17.79 12.78
C GLU B 177 -11.40 -19.02 12.34
N VAL B 178 -12.15 -19.57 13.27
CA VAL B 178 -12.95 -20.73 12.97
C VAL B 178 -14.31 -20.56 13.62
N LEU B 179 -15.35 -20.88 12.86
CA LEU B 179 -16.72 -20.79 13.33
C LEU B 179 -17.25 -22.21 13.40
N TYR B 180 -17.63 -22.64 14.60
CA TYR B 180 -18.17 -23.99 14.75
C TYR B 180 -19.69 -23.95 14.84
N ILE B 181 -20.33 -24.83 14.09
CA ILE B 181 -21.78 -24.93 14.08
C ILE B 181 -22.13 -26.38 14.47
N ARG B 182 -22.48 -26.57 15.74
CA ARG B 182 -22.82 -27.90 16.25
C ARG B 182 -24.31 -28.24 16.13
N ASN B 183 -24.60 -29.53 16.02
CA ASN B 183 -25.98 -30.02 15.90
C ASN B 183 -26.70 -29.24 14.82
N VAL B 184 -26.10 -29.19 13.64
CA VAL B 184 -26.69 -28.48 12.52
C VAL B 184 -28.15 -28.88 12.28
N THR B 185 -28.95 -27.91 11.87
CA THR B 185 -30.36 -28.11 11.57
C THR B 185 -30.55 -27.59 10.16
N PHE B 186 -31.75 -27.75 9.61
CA PHE B 186 -32.01 -27.27 8.27
C PHE B 186 -31.94 -25.74 8.26
N GLU B 187 -32.28 -25.13 9.40
CA GLU B 187 -32.25 -23.69 9.53
C GLU B 187 -30.82 -23.15 9.40
N ASP B 188 -29.84 -23.96 9.75
CA ASP B 188 -28.45 -23.53 9.67
C ASP B 188 -27.98 -23.43 8.22
N ALA B 189 -28.64 -24.18 7.33
CA ALA B 189 -28.26 -24.17 5.92
C ALA B 189 -28.26 -22.74 5.39
N GLY B 190 -27.40 -22.49 4.41
CA GLY B 190 -27.32 -21.16 3.84
C GLY B 190 -25.88 -20.72 3.59
N GLU B 191 -25.74 -19.44 3.25
CA GLU B 191 -24.45 -18.84 2.96
C GLU B 191 -23.80 -18.16 4.17
N TYR B 192 -22.51 -18.43 4.36
CA TYR B 192 -21.77 -17.83 5.47
C TYR B 192 -20.61 -17.01 4.91
N THR B 193 -20.40 -15.82 5.46
CA THR B 193 -19.33 -14.97 4.98
C THR B 193 -18.36 -14.50 6.06
N CYS B 194 -17.09 -14.46 5.68
CA CYS B 194 -16.05 -13.98 6.57
C CYS B 194 -15.69 -12.63 6.00
N LEU B 195 -16.01 -11.58 6.74
CA LEU B 195 -15.75 -10.20 6.30
C LEU B 195 -14.63 -9.57 7.11
N ALA B 196 -13.59 -9.11 6.42
CA ALA B 196 -12.45 -8.49 7.09
C ALA B 196 -12.25 -7.05 6.64
N GLY B 197 -11.87 -6.18 7.57
CA GLY B 197 -11.62 -4.81 7.22
C GLY B 197 -10.58 -4.13 8.07
N ASN B 198 -9.84 -3.20 7.47
CA ASN B 198 -8.85 -2.42 8.20
C ASN B 198 -9.04 -0.97 7.80
N SER B 199 -8.12 -0.10 8.17
CA SER B 199 -8.26 1.31 7.87
C SER B 199 -8.13 1.68 6.39
N ILE B 200 -7.86 0.69 5.55
CA ILE B 200 -7.73 0.94 4.12
C ILE B 200 -9.00 0.50 3.40
N GLY B 201 -9.39 -0.75 3.60
CA GLY B 201 -10.58 -1.25 2.95
C GLY B 201 -11.06 -2.59 3.49
N ILE B 202 -11.86 -3.29 2.69
CA ILE B 202 -12.41 -4.56 3.14
C ILE B 202 -12.32 -5.66 2.10
N SER B 203 -12.49 -6.89 2.55
CA SER B 203 -12.45 -8.07 1.68
C SER B 203 -13.28 -9.15 2.38
N PHE B 204 -13.90 -10.03 1.60
CA PHE B 204 -14.74 -11.07 2.17
C PHE B 204 -14.83 -12.29 1.27
N HIS B 205 -14.93 -13.45 1.89
CA HIS B 205 -15.08 -14.72 1.17
C HIS B 205 -16.33 -15.37 1.72
N SER B 206 -17.06 -16.08 0.87
CA SER B 206 -18.29 -16.73 1.31
C SER B 206 -18.33 -18.22 1.01
N ALA B 207 -19.08 -18.95 1.84
CA ALA B 207 -19.22 -20.39 1.69
C ALA B 207 -20.66 -20.81 1.93
N TRP B 208 -21.01 -21.98 1.41
CA TRP B 208 -22.36 -22.51 1.55
C TRP B 208 -22.40 -23.76 2.40
N LEU B 209 -23.35 -23.80 3.32
CA LEU B 209 -23.56 -24.95 4.19
C LEU B 209 -24.77 -25.72 3.66
N THR B 210 -24.55 -26.95 3.26
CA THR B 210 -25.64 -27.79 2.75
C THR B 210 -26.00 -28.79 3.84
N VAL B 211 -27.30 -28.86 4.16
CA VAL B 211 -27.77 -29.81 5.18
C VAL B 211 -28.61 -30.87 4.47
N LEU B 212 -28.32 -32.13 4.76
CA LEU B 212 -29.05 -33.22 4.13
C LEU B 212 -29.75 -34.14 5.13
N PHE C 10 13.50 17.52 1.28
CA PHE C 10 12.92 17.72 -0.08
C PHE C 10 11.42 17.87 -0.02
N THR C 11 10.87 17.76 1.18
CA THR C 11 9.44 17.89 1.37
C THR C 11 8.96 19.26 0.88
N GLN C 12 9.59 20.31 1.38
CA GLN C 12 9.20 21.66 0.99
C GLN C 12 9.48 21.84 -0.50
N HIS C 13 10.62 21.34 -0.97
CA HIS C 13 10.97 21.46 -2.37
C HIS C 13 9.88 20.83 -3.24
N VAL C 14 9.45 19.61 -2.87
CA VAL C 14 8.42 18.91 -3.62
C VAL C 14 7.09 19.63 -3.53
N ARG C 15 6.71 20.09 -2.34
CA ARG C 15 5.45 20.81 -2.19
C ARG C 15 5.42 21.96 -3.17
N GLU C 16 6.52 22.70 -3.23
CA GLU C 16 6.62 23.83 -4.14
C GLU C 16 6.58 23.40 -5.61
N GLN C 17 7.45 22.47 -5.98
CA GLN C 17 7.48 22.00 -7.37
C GLN C 17 6.18 21.32 -7.84
N SER C 18 5.38 20.83 -6.91
CA SER C 18 4.14 20.14 -7.27
C SER C 18 3.01 21.05 -7.70
N LEU C 19 3.23 22.36 -7.57
CA LEU C 19 2.22 23.36 -7.94
C LEU C 19 2.11 23.58 -9.44
N VAL C 20 3.24 23.47 -10.13
CA VAL C 20 3.27 23.69 -11.58
C VAL C 20 4.08 22.68 -12.37
N THR C 21 3.98 22.78 -13.68
CA THR C 21 4.70 21.91 -14.60
C THR C 21 6.20 22.05 -14.40
N ASP C 22 6.91 20.92 -14.38
CA ASP C 22 8.36 20.97 -14.22
C ASP C 22 8.97 21.21 -15.59
N GLN C 23 9.36 22.46 -15.85
CA GLN C 23 9.94 22.81 -17.15
C GLN C 23 11.44 22.60 -17.21
N LEU C 24 12.04 22.17 -16.10
CA LEU C 24 13.47 21.96 -16.03
C LEU C 24 13.92 20.50 -16.01
N SER C 25 12.98 19.57 -16.01
CA SER C 25 13.35 18.16 -15.97
C SER C 25 12.81 17.38 -17.14
N ARG C 26 13.43 16.26 -17.45
CA ARG C 26 12.92 15.44 -18.54
C ARG C 26 11.62 14.90 -17.96
N ARG C 27 10.56 14.86 -18.75
CA ARG C 27 9.30 14.37 -18.22
C ARG C 27 9.03 12.96 -18.73
N LEU C 28 8.87 12.05 -17.78
CA LEU C 28 8.63 10.62 -18.02
C LEU C 28 7.34 10.32 -18.77
N ILE C 29 7.43 9.38 -19.71
CA ILE C 29 6.27 8.97 -20.51
C ILE C 29 6.01 7.46 -20.41
N ARG C 30 4.76 7.10 -20.12
CA ARG C 30 4.37 5.70 -20.05
C ARG C 30 3.28 5.53 -21.09
N THR C 31 3.25 4.35 -21.71
CA THR C 31 2.27 4.06 -22.75
C THR C 31 1.48 2.81 -22.39
N TYR C 32 0.16 2.97 -22.29
CA TYR C 32 -0.71 1.85 -21.96
C TYR C 32 -2.16 2.13 -22.33
N GLN C 33 -3.04 1.22 -21.97
CA GLN C 33 -4.46 1.35 -22.25
C GLN C 33 -5.19 1.50 -20.93
N LEU C 34 -6.22 2.34 -20.90
CA LEU C 34 -7.02 2.52 -19.69
C LEU C 34 -8.28 1.68 -19.79
N TYR C 35 -8.33 0.61 -19.01
CA TYR C 35 -9.48 -0.25 -19.01
C TYR C 35 -10.50 0.24 -17.99
N SER C 36 -11.76 0.33 -18.43
CA SER C 36 -12.84 0.79 -17.57
C SER C 36 -13.45 -0.40 -16.84
N ARG C 37 -13.52 -0.31 -15.51
CA ARG C 37 -14.08 -1.39 -14.70
C ARG C 37 -15.56 -1.60 -15.02
N THR C 38 -16.27 -0.50 -15.25
CA THR C 38 -17.69 -0.57 -15.54
C THR C 38 -18.00 -1.07 -16.96
N SER C 39 -17.30 -0.54 -17.97
CA SER C 39 -17.59 -0.95 -19.33
C SER C 39 -16.90 -2.22 -19.81
N GLY C 40 -15.79 -2.58 -19.18
CA GLY C 40 -15.08 -3.77 -19.59
C GLY C 40 -14.26 -3.47 -20.83
N LYS C 41 -14.31 -2.22 -21.28
CA LYS C 41 -13.55 -1.85 -22.46
C LYS C 41 -12.57 -0.71 -22.17
N HIS C 42 -11.83 -0.30 -23.20
CA HIS C 42 -10.80 0.72 -23.04
C HIS C 42 -11.13 2.14 -23.49
N VAL C 43 -10.52 3.10 -22.80
CA VAL C 43 -10.72 4.51 -23.12
C VAL C 43 -10.04 4.81 -24.46
N GLN C 44 -10.74 5.52 -25.32
CA GLN C 44 -10.20 5.87 -26.62
C GLN C 44 -10.58 7.29 -27.00
N VAL C 45 -9.73 7.92 -27.80
CA VAL C 45 -9.99 9.27 -28.27
C VAL C 45 -10.03 9.12 -29.79
N LEU C 46 -11.17 9.46 -30.38
CA LEU C 46 -11.39 9.32 -31.81
C LEU C 46 -11.00 10.53 -32.65
N ALA C 47 -10.88 10.31 -33.95
CA ALA C 47 -10.52 11.35 -34.90
C ALA C 47 -11.56 12.47 -34.89
N ASN C 48 -12.81 12.12 -34.62
CA ASN C 48 -13.87 13.13 -34.59
C ASN C 48 -13.88 13.82 -33.21
N LYS C 49 -12.79 13.61 -32.46
CA LYS C 49 -12.63 14.20 -31.13
C LYS C 49 -13.54 13.65 -30.03
N ARG C 50 -14.22 12.54 -30.31
CA ARG C 50 -15.10 11.92 -29.32
C ARG C 50 -14.30 11.04 -28.36
N ILE C 51 -14.70 11.03 -27.09
CA ILE C 51 -14.02 10.23 -26.08
C ILE C 51 -15.01 9.28 -25.39
N ASN C 52 -14.67 7.99 -25.35
CA ASN C 52 -15.51 7.01 -24.68
C ASN C 52 -14.66 5.81 -24.27
N ALA C 53 -15.28 4.80 -23.68
CA ALA C 53 -14.56 3.61 -23.24
C ALA C 53 -15.21 2.37 -23.87
N MET C 54 -15.19 2.31 -25.19
CA MET C 54 -15.79 1.22 -25.92
C MET C 54 -14.78 0.50 -26.81
N ALA C 55 -13.50 0.84 -26.69
CA ALA C 55 -12.47 0.22 -27.53
C ALA C 55 -12.02 -1.17 -27.09
N GLU C 56 -11.84 -2.05 -28.07
CA GLU C 56 -11.39 -3.42 -27.79
C GLU C 56 -9.90 -3.38 -27.50
N ASP C 57 -9.39 -4.40 -26.83
CA ASP C 57 -7.99 -4.46 -26.51
C ASP C 57 -7.14 -4.33 -27.78
N GLY C 58 -6.19 -3.40 -27.76
CA GLY C 58 -5.32 -3.22 -28.91
C GLY C 58 -5.79 -2.23 -29.96
N ASP C 59 -6.97 -1.66 -29.78
CA ASP C 59 -7.47 -0.69 -30.75
C ASP C 59 -6.50 0.50 -30.80
N PRO C 60 -6.01 0.84 -32.00
CA PRO C 60 -5.07 1.95 -32.18
C PRO C 60 -5.48 3.24 -31.45
N PHE C 61 -6.77 3.52 -31.42
CA PHE C 61 -7.27 4.72 -30.76
C PHE C 61 -7.30 4.61 -29.23
N ALA C 62 -6.96 3.44 -28.71
CA ALA C 62 -6.96 3.22 -27.27
C ALA C 62 -5.55 3.24 -26.70
N LYS C 63 -4.56 3.43 -27.56
CA LYS C 63 -3.18 3.50 -27.11
C LYS C 63 -2.99 4.90 -26.54
N LEU C 64 -2.69 4.97 -25.25
CA LEU C 64 -2.53 6.26 -24.60
C LEU C 64 -1.08 6.54 -24.23
N ILE C 65 -0.70 7.82 -24.32
CA ILE C 65 0.63 8.27 -23.97
C ILE C 65 0.42 9.16 -22.77
N VAL C 66 0.93 8.73 -21.62
CA VAL C 66 0.77 9.46 -20.38
C VAL C 66 2.11 10.06 -19.94
N GLU C 67 2.17 11.39 -19.97
CA GLU C 67 3.38 12.12 -19.60
C GLU C 67 3.22 12.79 -18.25
N THR C 68 4.21 12.67 -17.38
CA THR C 68 4.08 13.28 -16.08
C THR C 68 4.25 14.79 -16.20
N ASP C 69 3.44 15.52 -15.45
CA ASP C 69 3.48 16.98 -15.47
C ASP C 69 4.46 17.46 -14.42
N THR C 70 4.39 16.84 -13.24
CA THR C 70 5.26 17.15 -12.13
C THR C 70 4.99 16.08 -11.06
N PHE C 71 5.46 16.30 -9.85
CA PHE C 71 5.27 15.33 -8.76
C PHE C 71 3.80 15.05 -8.42
N GLY C 72 3.60 14.09 -7.51
CA GLY C 72 2.26 13.72 -7.08
C GLY C 72 1.49 12.92 -8.10
N SER C 73 2.21 12.30 -9.03
CA SER C 73 1.60 11.52 -10.10
C SER C 73 0.62 12.36 -10.91
N ARG C 74 0.97 13.63 -11.14
CA ARG C 74 0.13 14.50 -11.95
C ARG C 74 0.58 14.27 -13.39
N VAL C 75 -0.35 13.85 -14.23
CA VAL C 75 -0.04 13.53 -15.61
C VAL C 75 -1.06 14.06 -16.61
N ARG C 76 -0.68 14.00 -17.89
CA ARG C 76 -1.53 14.38 -19.00
C ARG C 76 -1.75 13.10 -19.77
N VAL C 77 -2.98 12.89 -20.25
CA VAL C 77 -3.30 11.68 -20.98
C VAL C 77 -3.61 12.02 -22.43
N ARG C 78 -2.75 11.54 -23.34
CA ARG C 78 -2.89 11.81 -24.76
C ARG C 78 -3.10 10.57 -25.61
N GLY C 79 -3.97 10.67 -26.61
CA GLY C 79 -4.20 9.54 -27.49
C GLY C 79 -3.06 9.52 -28.48
N ALA C 80 -2.27 8.45 -28.50
CA ALA C 80 -1.13 8.37 -29.42
C ALA C 80 -1.53 8.50 -30.88
N GLU C 81 -2.68 7.93 -31.23
CA GLU C 81 -3.18 7.93 -32.60
C GLU C 81 -3.58 9.32 -33.12
N THR C 82 -4.43 10.00 -32.37
CA THR C 82 -4.92 11.32 -32.75
C THR C 82 -4.07 12.48 -32.25
N GLY C 83 -3.25 12.22 -31.23
CA GLY C 83 -2.42 13.27 -30.67
C GLY C 83 -3.26 14.20 -29.83
N LEU C 84 -4.50 13.83 -29.56
CA LEU C 84 -5.41 14.64 -28.76
C LEU C 84 -5.34 14.36 -27.26
N TYR C 85 -5.41 15.41 -26.45
CA TYR C 85 -5.37 15.27 -25.00
C TYR C 85 -6.76 15.14 -24.39
N ILE C 86 -6.88 14.34 -23.34
CA ILE C 86 -8.16 14.17 -22.66
C ILE C 86 -8.22 15.25 -21.59
N CYS C 87 -9.20 16.13 -21.70
CA CYS C 87 -9.35 17.23 -20.76
C CYS C 87 -10.77 17.31 -20.25
N MET C 88 -10.96 18.14 -19.21
CA MET C 88 -12.27 18.31 -18.61
C MET C 88 -12.64 19.78 -18.60
N ASN C 89 -13.88 20.10 -18.96
CA ASN C 89 -14.34 21.49 -18.98
C ASN C 89 -15.02 21.83 -17.66
N LYS C 90 -15.41 23.09 -17.51
CA LYS C 90 -16.08 23.55 -16.30
C LYS C 90 -17.38 22.79 -15.99
N LYS C 91 -17.97 22.16 -17.00
CA LYS C 91 -19.21 21.42 -16.76
C LYS C 91 -18.89 19.96 -16.42
N GLY C 92 -17.61 19.66 -16.24
CA GLY C 92 -17.21 18.30 -15.90
C GLY C 92 -17.23 17.37 -17.09
N LYS C 93 -17.32 17.94 -18.28
CA LYS C 93 -17.38 17.17 -19.51
C LYS C 93 -15.99 16.86 -20.05
N LEU C 94 -15.76 15.62 -20.47
CA LEU C 94 -14.47 15.24 -21.03
C LEU C 94 -14.43 15.72 -22.47
N ILE C 95 -13.39 16.45 -22.82
CA ILE C 95 -13.23 16.96 -24.18
C ILE C 95 -11.82 16.69 -24.68
N ALA C 96 -11.69 16.43 -25.98
CA ALA C 96 -10.39 16.15 -26.58
C ALA C 96 -9.84 17.44 -27.16
N LYS C 97 -8.61 17.79 -26.78
CA LYS C 97 -8.01 19.04 -27.27
C LYS C 97 -6.62 18.87 -27.88
N SER C 98 -6.32 19.71 -28.86
CA SER C 98 -5.03 19.68 -29.54
C SER C 98 -3.98 20.27 -28.61
N ASN C 99 -4.34 21.34 -27.91
CA ASN C 99 -3.42 21.98 -26.98
C ASN C 99 -3.76 21.53 -25.57
N GLY C 100 -2.84 20.82 -24.94
CA GLY C 100 -3.07 20.35 -23.59
C GLY C 100 -2.23 21.03 -22.52
N LYS C 101 -2.02 22.34 -22.66
CA LYS C 101 -1.22 23.09 -21.72
C LYS C 101 -1.92 23.36 -20.38
N GLY C 102 -3.22 23.61 -20.45
CA GLY C 102 -3.98 23.91 -19.24
C GLY C 102 -4.07 22.85 -18.16
N LYS C 103 -4.27 23.32 -16.93
CA LYS C 103 -4.39 22.45 -15.76
C LYS C 103 -5.59 21.52 -15.96
N ASP C 104 -6.55 21.97 -16.77
CA ASP C 104 -7.74 21.20 -17.09
C ASP C 104 -7.40 19.89 -17.79
N CYS C 105 -6.19 19.81 -18.32
CA CYS C 105 -5.70 18.61 -19.00
C CYS C 105 -4.84 17.75 -18.09
N VAL C 106 -4.70 18.17 -16.84
CA VAL C 106 -3.87 17.43 -15.88
C VAL C 106 -4.73 16.63 -14.91
N PHE C 107 -4.33 15.38 -14.67
CA PHE C 107 -5.03 14.50 -13.75
C PHE C 107 -4.04 13.90 -12.74
N THR C 108 -4.53 13.63 -11.54
CA THR C 108 -3.70 13.01 -10.51
C THR C 108 -4.04 11.51 -10.58
N GLU C 109 -3.03 10.68 -10.82
CA GLU C 109 -3.25 9.24 -10.87
C GLU C 109 -3.28 8.75 -9.43
N ILE C 110 -4.38 8.11 -9.04
CA ILE C 110 -4.53 7.61 -7.69
C ILE C 110 -4.65 6.09 -7.66
N VAL C 111 -4.02 5.45 -6.67
CA VAL C 111 -4.18 4.01 -6.52
C VAL C 111 -5.14 3.90 -5.33
N LEU C 112 -6.40 3.65 -5.65
CA LEU C 112 -7.45 3.57 -4.63
C LEU C 112 -7.25 2.48 -3.59
N GLU C 113 -8.00 2.62 -2.48
CA GLU C 113 -7.97 1.65 -1.39
C GLU C 113 -8.42 0.27 -1.86
N ASN C 114 -9.21 0.22 -2.93
CA ASN C 114 -9.68 -1.05 -3.49
C ASN C 114 -8.74 -1.56 -4.58
N ASN C 115 -7.58 -0.90 -4.70
CA ASN C 115 -6.56 -1.29 -5.65
C ASN C 115 -6.80 -0.97 -7.11
N TYR C 116 -7.88 -0.25 -7.39
CA TYR C 116 -8.15 0.15 -8.77
C TYR C 116 -7.50 1.53 -8.97
N THR C 117 -7.39 1.96 -10.22
CA THR C 117 -6.82 3.23 -10.57
C THR C 117 -7.95 4.26 -10.72
N ALA C 118 -7.69 5.51 -10.33
CA ALA C 118 -8.67 6.59 -10.53
C ALA C 118 -7.88 7.78 -11.04
N LEU C 119 -8.53 8.62 -11.84
CA LEU C 119 -7.88 9.81 -12.36
C LEU C 119 -8.71 11.02 -11.98
N GLN C 120 -8.16 11.82 -11.07
CA GLN C 120 -8.80 13.03 -10.55
C GLN C 120 -8.25 14.25 -11.29
N ASN C 121 -9.15 15.10 -11.80
CA ASN C 121 -8.71 16.27 -12.53
C ASN C 121 -8.00 17.27 -11.62
N ALA C 122 -6.94 17.88 -12.13
CA ALA C 122 -6.15 18.84 -11.37
C ALA C 122 -6.82 20.21 -11.20
N LYS C 123 -7.52 20.67 -12.23
CA LYS C 123 -8.20 21.96 -12.15
C LYS C 123 -9.43 21.82 -11.27
N TYR C 124 -10.28 20.85 -11.58
CA TYR C 124 -11.49 20.59 -10.82
C TYR C 124 -11.26 19.35 -9.95
N GLU C 125 -10.60 19.57 -8.82
CA GLU C 125 -10.21 18.53 -7.87
C GLU C 125 -11.28 17.57 -7.38
N GLY C 126 -12.54 17.86 -7.61
CA GLY C 126 -13.59 16.96 -7.16
C GLY C 126 -14.14 16.10 -8.28
N TRP C 127 -13.68 16.35 -9.50
CA TRP C 127 -14.16 15.57 -10.64
C TRP C 127 -13.16 14.53 -11.14
N TYR C 128 -13.70 13.36 -11.49
CA TYR C 128 -12.91 12.22 -11.97
C TYR C 128 -13.26 11.78 -13.38
N MET C 129 -12.29 11.19 -14.07
CA MET C 129 -12.55 10.66 -15.40
C MET C 129 -13.47 9.50 -15.08
N ALA C 130 -14.56 9.37 -15.82
CA ALA C 130 -15.50 8.29 -15.57
C ALA C 130 -16.31 7.90 -16.79
N PHE C 131 -16.73 6.64 -16.83
CA PHE C 131 -17.53 6.13 -17.94
C PHE C 131 -18.63 5.21 -17.41
N THR C 132 -19.69 5.05 -18.19
CA THR C 132 -20.83 4.20 -17.82
C THR C 132 -20.61 2.75 -18.20
N ARG C 133 -21.55 1.90 -17.81
CA ARG C 133 -21.49 0.48 -18.10
C ARG C 133 -21.44 0.26 -19.62
N LYS C 134 -22.08 1.16 -20.36
CA LYS C 134 -22.12 1.07 -21.81
C LYS C 134 -20.90 1.75 -22.45
N GLY C 135 -20.02 2.30 -21.61
CA GLY C 135 -18.83 2.95 -22.12
C GLY C 135 -18.98 4.40 -22.51
N ARG C 136 -20.06 5.04 -22.07
CA ARG C 136 -20.27 6.45 -22.39
C ARG C 136 -19.67 7.35 -21.32
N PRO C 137 -19.25 8.57 -21.71
CA PRO C 137 -18.65 9.53 -20.78
C PRO C 137 -19.63 9.93 -19.68
N ARG C 138 -19.12 10.08 -18.46
CA ARG C 138 -19.94 10.48 -17.32
C ARG C 138 -19.46 11.87 -16.87
N LYS C 139 -20.40 12.79 -16.68
CA LYS C 139 -20.06 14.15 -16.26
C LYS C 139 -19.33 14.11 -14.91
N GLY C 140 -18.21 14.81 -14.83
CA GLY C 140 -17.44 14.85 -13.60
C GLY C 140 -18.24 15.26 -12.38
N SER C 141 -19.24 16.10 -12.57
CA SER C 141 -20.08 16.59 -11.48
C SER C 141 -20.80 15.47 -10.72
N LYS C 142 -21.13 14.38 -11.41
CA LYS C 142 -21.80 13.27 -10.76
C LYS C 142 -20.84 12.20 -10.27
N THR C 143 -19.53 12.50 -10.30
CA THR C 143 -18.52 11.53 -9.90
C THR C 143 -18.03 11.61 -8.45
N ARG C 144 -17.95 10.45 -7.82
CA ARG C 144 -17.45 10.31 -6.46
C ARG C 144 -16.49 9.13 -6.49
N GLN C 145 -15.44 9.20 -5.69
CA GLN C 145 -14.39 8.19 -5.66
C GLN C 145 -14.83 6.72 -5.47
N HIS C 146 -15.95 6.48 -4.79
CA HIS C 146 -16.42 5.12 -4.53
C HIS C 146 -17.17 4.46 -5.69
N GLN C 147 -17.64 5.25 -6.64
CA GLN C 147 -18.39 4.74 -7.78
C GLN C 147 -17.51 3.88 -8.70
N ARG C 148 -18.07 2.78 -9.18
CA ARG C 148 -17.32 1.91 -10.08
C ARG C 148 -16.99 2.59 -11.40
N GLU C 149 -17.80 3.58 -11.78
CA GLU C 149 -17.58 4.29 -13.02
C GLU C 149 -16.25 5.04 -13.06
N VAL C 150 -15.71 5.36 -11.90
CA VAL C 150 -14.46 6.10 -11.82
C VAL C 150 -13.23 5.18 -11.70
N HIS C 151 -13.45 3.87 -11.69
CA HIS C 151 -12.37 2.91 -11.54
C HIS C 151 -11.80 2.36 -12.85
N PHE C 152 -10.47 2.28 -12.91
CA PHE C 152 -9.77 1.80 -14.08
C PHE C 152 -8.63 0.86 -13.70
N MET C 153 -8.06 0.22 -14.72
CA MET C 153 -6.91 -0.67 -14.57
C MET C 153 -6.03 -0.28 -15.74
N LYS C 154 -4.75 -0.07 -15.47
CA LYS C 154 -3.82 0.29 -16.53
C LYS C 154 -3.35 -1.03 -17.13
N ARG C 155 -3.51 -1.20 -18.44
CA ARG C 155 -3.11 -2.43 -19.09
C ARG C 155 -2.03 -2.23 -20.16
N LEU C 156 -1.16 -3.22 -20.29
CA LEU C 156 -0.07 -3.18 -21.27
C LEU C 156 -0.64 -3.03 -22.67
N PRO C 157 0.09 -2.32 -23.55
CA PRO C 157 -0.40 -2.15 -24.92
C PRO C 157 -0.35 -3.52 -25.59
N LYS D 3 -37.16 -30.71 -24.49
CA LYS D 3 -38.03 -29.63 -25.05
C LYS D 3 -37.22 -28.54 -25.74
N ARG D 4 -36.26 -27.96 -25.01
CA ARG D 4 -35.45 -26.89 -25.58
C ARG D 4 -33.95 -26.95 -25.27
N ALA D 5 -33.14 -26.50 -26.23
CA ALA D 5 -31.69 -26.48 -26.08
C ALA D 5 -31.30 -25.32 -25.16
N PRO D 6 -30.09 -25.41 -24.55
CA PRO D 6 -29.65 -24.34 -23.65
C PRO D 6 -29.38 -23.01 -24.35
N TYR D 7 -29.67 -21.92 -23.66
CA TYR D 7 -29.47 -20.57 -24.19
C TYR D 7 -29.10 -19.59 -23.06
N TRP D 8 -28.37 -18.53 -23.39
CA TRP D 8 -27.98 -17.53 -22.40
C TRP D 8 -29.18 -16.69 -22.03
N THR D 9 -29.39 -16.49 -20.73
CA THR D 9 -30.53 -15.73 -20.23
C THR D 9 -30.18 -14.28 -19.89
N ASN D 10 -28.90 -13.93 -19.99
CA ASN D 10 -28.47 -12.56 -19.68
C ASN D 10 -27.17 -12.23 -20.39
N THR D 11 -27.25 -11.99 -21.69
CA THR D 11 -26.08 -11.66 -22.48
C THR D 11 -25.39 -10.40 -22.00
N GLU D 12 -26.05 -9.67 -21.10
CA GLU D 12 -25.51 -8.43 -20.55
C GLU D 12 -24.12 -8.64 -19.97
N LYS D 13 -24.06 -9.38 -18.86
CA LYS D 13 -22.79 -9.66 -18.19
C LYS D 13 -21.78 -10.35 -19.10
N MET D 14 -22.27 -11.23 -19.96
CA MET D 14 -21.41 -11.98 -20.86
C MET D 14 -20.73 -11.10 -21.90
N GLU D 15 -21.31 -9.94 -22.19
CA GLU D 15 -20.74 -9.01 -23.16
C GLU D 15 -19.37 -8.52 -22.68
N LYS D 16 -19.19 -8.56 -21.37
CA LYS D 16 -17.95 -8.13 -20.74
C LYS D 16 -17.02 -9.34 -20.71
N ARG D 17 -16.45 -9.65 -21.88
CA ARG D 17 -15.55 -10.78 -22.06
C ARG D 17 -14.22 -10.68 -21.34
N LEU D 18 -13.70 -9.46 -21.25
CA LEU D 18 -12.42 -9.22 -20.59
C LEU D 18 -12.58 -8.70 -19.18
N HIS D 19 -12.05 -9.44 -18.22
CA HIS D 19 -12.08 -9.01 -16.84
C HIS D 19 -10.65 -8.71 -16.43
N ALA D 20 -10.35 -7.42 -16.27
CA ALA D 20 -9.00 -7.01 -15.85
C ALA D 20 -9.19 -6.51 -14.42
N VAL D 21 -8.52 -7.16 -13.48
CA VAL D 21 -8.68 -6.79 -12.07
C VAL D 21 -7.40 -6.76 -11.28
N PRO D 22 -7.42 -6.11 -10.11
CA PRO D 22 -6.18 -6.09 -9.32
C PRO D 22 -6.06 -7.40 -8.56
N ALA D 23 -4.81 -7.79 -8.27
CA ALA D 23 -4.57 -9.01 -7.52
C ALA D 23 -5.25 -8.86 -6.16
N ALA D 24 -5.63 -10.00 -5.57
CA ALA D 24 -6.30 -10.07 -4.28
C ALA D 24 -7.81 -9.84 -4.37
N ASN D 25 -8.30 -9.70 -5.59
CA ASN D 25 -9.72 -9.53 -5.82
C ASN D 25 -10.37 -10.90 -5.98
N THR D 26 -11.68 -10.96 -5.78
CA THR D 26 -12.40 -12.20 -6.04
C THR D 26 -12.97 -12.03 -7.45
N VAL D 27 -12.78 -13.05 -8.30
CA VAL D 27 -13.30 -12.99 -9.66
C VAL D 27 -14.47 -13.96 -9.81
N LYS D 28 -15.56 -13.45 -10.38
CA LYS D 28 -16.75 -14.24 -10.57
C LYS D 28 -17.20 -14.21 -12.02
N PHE D 29 -17.20 -15.35 -12.69
CA PHE D 29 -17.63 -15.44 -14.08
C PHE D 29 -19.00 -16.08 -14.10
N ARG D 30 -19.93 -15.49 -14.85
CA ARG D 30 -21.28 -16.02 -14.91
C ARG D 30 -21.77 -16.26 -16.33
N CYS D 31 -22.57 -17.31 -16.49
CA CYS D 31 -23.15 -17.67 -17.78
C CYS D 31 -24.58 -18.14 -17.54
N PRO D 32 -25.46 -17.21 -17.09
CA PRO D 32 -26.87 -17.53 -16.81
C PRO D 32 -27.44 -18.32 -17.99
N ALA D 33 -27.89 -19.55 -17.73
CA ALA D 33 -28.41 -20.37 -18.81
C ALA D 33 -29.82 -20.90 -18.62
N GLY D 34 -30.50 -21.11 -19.74
CA GLY D 34 -31.85 -21.63 -19.73
C GLY D 34 -31.89 -22.95 -20.49
N GLY D 35 -33.06 -23.57 -20.56
CA GLY D 35 -33.18 -24.83 -21.26
C GLY D 35 -34.00 -25.86 -20.51
N ASN D 36 -34.57 -26.80 -21.24
CA ASN D 36 -35.37 -27.88 -20.65
C ASN D 36 -35.05 -29.19 -21.33
N PRO D 37 -34.60 -30.18 -20.56
CA PRO D 37 -34.38 -30.08 -19.11
C PRO D 37 -33.28 -29.09 -18.75
N MET D 38 -33.12 -28.81 -17.46
CA MET D 38 -32.10 -27.89 -16.98
C MET D 38 -30.74 -28.37 -17.48
N PRO D 39 -29.98 -27.49 -18.13
CA PRO D 39 -28.66 -27.87 -18.64
C PRO D 39 -27.58 -27.91 -17.54
N THR D 40 -26.56 -28.74 -17.76
CA THR D 40 -25.46 -28.87 -16.81
C THR D 40 -24.35 -27.92 -17.27
N MET D 41 -23.45 -27.59 -16.36
CA MET D 41 -22.35 -26.68 -16.67
C MET D 41 -20.98 -27.19 -16.23
N ARG D 42 -19.97 -26.92 -17.04
CA ARG D 42 -18.59 -27.30 -16.77
C ARG D 42 -17.73 -26.10 -17.09
N TRP D 43 -16.57 -26.00 -16.46
CA TRP D 43 -15.69 -24.88 -16.74
C TRP D 43 -14.33 -25.36 -17.18
N LEU D 44 -13.76 -24.64 -18.14
CA LEU D 44 -12.45 -24.99 -18.64
C LEU D 44 -11.51 -23.79 -18.46
N LYS D 45 -10.24 -24.07 -18.23
CA LYS D 45 -9.27 -23.00 -18.14
C LYS D 45 -8.32 -23.25 -19.31
N ASN D 46 -8.16 -22.25 -20.17
CA ASN D 46 -7.30 -22.37 -21.34
C ASN D 46 -7.64 -23.61 -22.17
N GLY D 47 -8.93 -23.86 -22.37
CA GLY D 47 -9.36 -24.99 -23.19
C GLY D 47 -9.42 -26.36 -22.56
N LYS D 48 -8.84 -26.54 -21.37
CA LYS D 48 -8.84 -27.84 -20.71
C LYS D 48 -9.66 -27.83 -19.42
N GLU D 49 -10.04 -29.00 -18.93
CA GLU D 49 -10.82 -29.09 -17.71
C GLU D 49 -10.16 -28.35 -16.55
N PHE D 50 -10.91 -27.48 -15.90
CA PHE D 50 -10.41 -26.70 -14.77
C PHE D 50 -10.58 -27.51 -13.50
N LYS D 51 -9.46 -27.93 -12.92
CA LYS D 51 -9.49 -28.74 -11.71
C LYS D 51 -9.17 -27.90 -10.47
N GLN D 52 -9.61 -28.38 -9.31
CA GLN D 52 -9.37 -27.67 -8.06
C GLN D 52 -7.87 -27.45 -7.82
N GLU D 53 -7.07 -28.45 -8.16
CA GLU D 53 -5.63 -28.39 -7.96
C GLU D 53 -4.90 -27.44 -8.90
N HIS D 54 -5.60 -26.87 -9.87
CA HIS D 54 -4.96 -25.96 -10.81
C HIS D 54 -4.58 -24.60 -10.23
N ARG D 55 -5.06 -24.29 -9.03
CA ARG D 55 -4.71 -23.02 -8.39
C ARG D 55 -4.78 -23.19 -6.89
N ILE D 56 -3.97 -22.41 -6.17
CA ILE D 56 -3.95 -22.45 -4.72
C ILE D 56 -5.33 -22.04 -4.23
N GLY D 57 -5.93 -22.84 -3.36
CA GLY D 57 -7.25 -22.52 -2.84
C GLY D 57 -8.38 -22.94 -3.77
N GLY D 58 -8.04 -23.57 -4.90
CA GLY D 58 -9.05 -24.00 -5.85
C GLY D 58 -10.07 -22.94 -6.23
N TYR D 59 -11.30 -23.37 -6.49
CA TYR D 59 -12.35 -22.44 -6.86
C TYR D 59 -13.70 -22.95 -6.38
N LYS D 60 -14.73 -22.14 -6.57
CA LYS D 60 -16.08 -22.51 -6.18
C LYS D 60 -17.03 -22.32 -7.35
N VAL D 61 -18.10 -23.11 -7.37
CA VAL D 61 -19.10 -23.01 -8.42
C VAL D 61 -20.47 -22.92 -7.78
N ARG D 62 -21.26 -21.93 -8.18
CA ARG D 62 -22.62 -21.76 -7.66
C ARG D 62 -23.56 -22.02 -8.82
N ASN D 63 -23.98 -23.28 -8.95
CA ASN D 63 -24.86 -23.70 -10.04
C ASN D 63 -26.12 -22.85 -10.19
N GLN D 64 -26.68 -22.40 -9.07
CA GLN D 64 -27.89 -21.58 -9.12
C GLN D 64 -27.63 -20.20 -9.74
N HIS D 65 -26.35 -19.82 -9.80
CA HIS D 65 -26.00 -18.54 -10.40
C HIS D 65 -25.14 -18.74 -11.62
N TRP D 66 -25.00 -20.01 -12.04
CA TRP D 66 -24.19 -20.37 -13.20
C TRP D 66 -22.87 -19.60 -13.11
N SER D 67 -22.18 -19.74 -11.99
CA SER D 67 -20.94 -19.00 -11.82
C SER D 67 -19.71 -19.75 -11.36
N LEU D 68 -18.57 -19.25 -11.80
CA LEU D 68 -17.27 -19.78 -11.41
C LEU D 68 -16.66 -18.68 -10.55
N ILE D 69 -16.25 -19.05 -9.35
CA ILE D 69 -15.68 -18.08 -8.42
C ILE D 69 -14.24 -18.36 -8.04
N MET D 70 -13.37 -17.37 -8.25
CA MET D 70 -11.97 -17.53 -7.90
C MET D 70 -11.62 -16.43 -6.91
N GLU D 71 -11.23 -16.83 -5.70
CA GLU D 71 -10.88 -15.88 -4.65
C GLU D 71 -9.39 -15.51 -4.60
N SER D 72 -9.13 -14.27 -4.20
CA SER D 72 -7.79 -13.73 -4.07
C SER D 72 -6.92 -14.08 -5.26
N VAL D 73 -7.35 -13.63 -6.44
CA VAL D 73 -6.61 -13.93 -7.67
C VAL D 73 -5.20 -13.36 -7.65
N VAL D 74 -4.31 -14.08 -8.34
CA VAL D 74 -2.90 -13.71 -8.46
C VAL D 74 -2.59 -13.72 -9.96
N PRO D 75 -1.43 -13.17 -10.36
CA PRO D 75 -1.08 -13.14 -11.79
C PRO D 75 -1.12 -14.48 -12.50
N SER D 76 -0.80 -15.57 -11.80
CA SER D 76 -0.84 -16.88 -12.46
C SER D 76 -2.27 -17.29 -12.81
N ASP D 77 -3.26 -16.50 -12.41
CA ASP D 77 -4.64 -16.83 -12.74
C ASP D 77 -5.02 -16.28 -14.12
N LYS D 78 -4.14 -15.49 -14.72
CA LYS D 78 -4.41 -14.92 -16.04
C LYS D 78 -4.70 -16.06 -17.00
N GLY D 79 -5.59 -15.83 -17.97
CA GLY D 79 -5.91 -16.86 -18.93
C GLY D 79 -7.35 -16.80 -19.41
N ASN D 80 -7.79 -17.85 -20.09
CA ASN D 80 -9.14 -17.91 -20.60
C ASN D 80 -9.96 -18.92 -19.82
N TYR D 81 -11.23 -18.56 -19.59
CA TYR D 81 -12.13 -19.42 -18.86
C TYR D 81 -13.39 -19.60 -19.68
N THR D 82 -13.68 -20.85 -20.02
CA THR D 82 -14.83 -21.18 -20.84
C THR D 82 -15.87 -21.98 -20.07
N CYS D 83 -17.12 -21.56 -20.18
CA CYS D 83 -18.23 -22.26 -19.54
C CYS D 83 -18.90 -23.06 -20.65
N VAL D 84 -19.15 -24.34 -20.40
CA VAL D 84 -19.81 -25.20 -21.37
C VAL D 84 -21.12 -25.66 -20.74
N VAL D 85 -22.23 -25.20 -21.30
CA VAL D 85 -23.57 -25.55 -20.81
C VAL D 85 -24.24 -26.51 -21.79
N GLU D 86 -24.83 -27.58 -21.28
CA GLU D 86 -25.45 -28.56 -22.18
C GLU D 86 -26.57 -29.45 -21.60
N ASN D 87 -27.43 -29.89 -22.50
CA ASN D 87 -28.53 -30.80 -22.19
C ASN D 87 -28.69 -31.70 -23.41
N GLU D 88 -29.80 -32.43 -23.50
CA GLU D 88 -30.02 -33.32 -24.63
C GLU D 88 -30.21 -32.61 -25.98
N TYR D 89 -30.77 -31.41 -25.96
CA TYR D 89 -31.02 -30.66 -27.18
C TYR D 89 -29.87 -29.80 -27.70
N GLY D 90 -28.73 -29.79 -27.00
CA GLY D 90 -27.63 -28.97 -27.47
C GLY D 90 -26.56 -28.61 -26.45
N SER D 91 -25.49 -28.01 -26.93
CA SER D 91 -24.37 -27.60 -26.08
C SER D 91 -23.79 -26.28 -26.60
N ILE D 92 -23.59 -25.32 -25.71
CA ILE D 92 -23.03 -24.04 -26.08
C ILE D 92 -21.95 -23.61 -25.09
N ASN D 93 -21.06 -22.73 -25.51
CA ASN D 93 -20.00 -22.25 -24.64
C ASN D 93 -19.70 -20.77 -24.84
N HIS D 94 -19.08 -20.18 -23.82
CA HIS D 94 -18.70 -18.78 -23.83
C HIS D 94 -17.35 -18.67 -23.14
N THR D 95 -16.45 -17.86 -23.69
CA THR D 95 -15.12 -17.71 -23.10
C THR D 95 -14.82 -16.31 -22.56
N TYR D 96 -14.38 -16.25 -21.31
CA TYR D 96 -14.00 -14.98 -20.67
C TYR D 96 -12.47 -14.93 -20.63
N HIS D 97 -11.90 -13.73 -20.61
CA HIS D 97 -10.46 -13.61 -20.50
C HIS D 97 -10.15 -12.86 -19.21
N LEU D 98 -9.20 -13.37 -18.43
CA LEU D 98 -8.84 -12.74 -17.17
C LEU D 98 -7.43 -12.18 -17.16
N ASP D 99 -7.32 -10.92 -16.77
CA ASP D 99 -6.02 -10.25 -16.67
C ASP D 99 -5.96 -9.82 -15.19
N VAL D 100 -4.89 -10.19 -14.50
CA VAL D 100 -4.73 -9.80 -13.09
C VAL D 100 -3.47 -8.95 -12.95
N VAL D 101 -3.61 -7.79 -12.31
CA VAL D 101 -2.48 -6.88 -12.13
C VAL D 101 -2.21 -6.58 -10.65
N GLU D 102 -0.96 -6.76 -10.22
CA GLU D 102 -0.60 -6.49 -8.84
C GLU D 102 -0.48 -4.97 -8.68
N ARG D 103 -1.21 -4.42 -7.72
CA ARG D 103 -1.20 -2.97 -7.48
C ARG D 103 -0.39 -2.62 -6.24
N SER D 104 0.22 -1.44 -6.24
CA SER D 104 1.02 -1.00 -5.10
C SER D 104 0.63 0.41 -4.65
N ARG D 105 0.12 0.54 -3.42
CA ARG D 105 -0.28 1.84 -2.89
C ARG D 105 0.85 2.48 -2.07
N HIS D 106 2.09 2.27 -2.50
CA HIS D 106 3.24 2.82 -1.79
C HIS D 106 4.03 3.84 -2.58
N ARG D 107 4.84 4.61 -1.87
CA ARG D 107 5.67 5.64 -2.50
C ARG D 107 6.76 4.93 -3.30
N PRO D 108 7.44 5.66 -4.20
CA PRO D 108 8.51 5.06 -5.02
C PRO D 108 9.61 4.34 -4.25
N ILE D 109 10.19 3.33 -4.87
CA ILE D 109 11.29 2.58 -4.27
C ILE D 109 12.46 2.71 -5.24
N LEU D 110 13.62 3.10 -4.73
CA LEU D 110 14.80 3.27 -5.57
C LEU D 110 15.75 2.11 -5.32
N GLN D 111 16.58 1.81 -6.31
CA GLN D 111 17.53 0.72 -6.16
C GLN D 111 18.67 1.18 -5.23
N ALA D 112 18.96 0.37 -4.23
CA ALA D 112 20.03 0.68 -3.29
C ALA D 112 21.37 0.79 -4.03
N GLY D 113 22.19 1.78 -3.64
CA GLY D 113 23.48 1.97 -4.26
C GLY D 113 23.50 2.88 -5.48
N LEU D 114 22.32 3.27 -5.96
CA LEU D 114 22.21 4.14 -7.13
C LEU D 114 21.48 5.42 -6.77
N PRO D 115 22.01 6.58 -7.17
CA PRO D 115 23.26 6.76 -7.92
C PRO D 115 24.49 6.48 -7.06
N ALA D 116 25.52 5.93 -7.67
CA ALA D 116 26.76 5.61 -6.96
C ALA D 116 27.68 6.83 -6.90
N ASN D 117 28.55 6.85 -5.89
CA ASN D 117 29.51 7.93 -5.75
C ASN D 117 30.44 7.80 -6.94
N ALA D 118 31.05 8.91 -7.34
CA ALA D 118 31.97 8.88 -8.47
C ALA D 118 33.11 9.86 -8.28
N SER D 119 34.25 9.51 -8.85
CA SER D 119 35.45 10.33 -8.77
C SER D 119 36.10 10.42 -10.14
N THR D 120 36.61 11.59 -10.48
CA THR D 120 37.27 11.75 -11.77
C THR D 120 38.22 12.93 -11.77
N VAL D 121 39.18 12.90 -12.68
CA VAL D 121 40.12 14.00 -12.79
C VAL D 121 39.44 15.05 -13.67
N VAL D 122 39.69 16.32 -13.37
CA VAL D 122 39.09 17.41 -14.12
C VAL D 122 39.10 17.12 -15.62
N GLY D 123 38.06 17.56 -16.32
CA GLY D 123 37.98 17.34 -17.75
C GLY D 123 37.46 15.96 -18.13
N GLY D 124 37.35 15.08 -17.14
CA GLY D 124 36.86 13.74 -17.38
C GLY D 124 35.35 13.73 -17.40
N ASP D 125 34.77 12.61 -17.80
CA ASP D 125 33.33 12.48 -17.85
C ASP D 125 32.80 11.50 -16.81
N VAL D 126 31.62 11.79 -16.29
CA VAL D 126 31.00 10.96 -15.27
C VAL D 126 29.51 10.83 -15.49
N GLU D 127 28.92 9.78 -14.92
CA GLU D 127 27.49 9.56 -15.02
C GLU D 127 26.92 9.10 -13.69
N PHE D 128 25.62 9.33 -13.52
CA PHE D 128 24.89 8.94 -12.31
C PHE D 128 23.65 8.19 -12.79
N VAL D 129 23.39 7.04 -12.19
CA VAL D 129 22.24 6.24 -12.58
C VAL D 129 21.25 6.10 -11.43
N CYS D 130 19.97 6.04 -11.78
CA CYS D 130 18.94 5.86 -10.78
C CYS D 130 17.86 5.01 -11.38
N LYS D 131 17.40 4.02 -10.61
CA LYS D 131 16.35 3.12 -11.07
C LYS D 131 15.20 3.24 -10.06
N VAL D 132 14.04 3.60 -10.56
CA VAL D 132 12.87 3.79 -9.72
C VAL D 132 11.72 2.83 -10.04
N TYR D 133 11.14 2.26 -8.99
CA TYR D 133 9.98 1.39 -9.16
C TYR D 133 8.80 2.13 -8.54
N SER D 134 7.72 2.23 -9.31
CA SER D 134 6.53 2.92 -8.82
C SER D 134 5.33 2.56 -9.68
N ASP D 135 4.29 2.04 -9.04
CA ASP D 135 3.06 1.69 -9.74
C ASP D 135 2.46 3.01 -10.23
N ALA D 136 2.08 3.88 -9.30
CA ALA D 136 1.55 5.18 -9.66
C ALA D 136 2.66 5.93 -10.43
N GLN D 137 2.28 6.57 -11.52
CA GLN D 137 3.22 7.31 -12.36
C GLN D 137 4.11 8.24 -11.53
N PRO D 138 5.43 8.02 -11.56
CA PRO D 138 6.30 8.89 -10.77
C PRO D 138 6.90 10.01 -11.58
N HIS D 139 7.44 11.00 -10.87
CA HIS D 139 8.16 12.08 -11.52
C HIS D 139 9.53 11.99 -10.87
N ILE D 140 10.58 12.21 -11.67
CA ILE D 140 11.95 12.13 -11.18
C ILE D 140 12.75 13.41 -11.44
N GLN D 141 13.48 13.88 -10.44
CA GLN D 141 14.33 15.06 -10.60
C GLN D 141 15.75 14.78 -10.14
N TRP D 142 16.71 15.30 -10.89
CA TRP D 142 18.12 15.18 -10.55
C TRP D 142 18.42 16.52 -9.91
N ILE D 143 18.96 16.49 -8.70
CA ILE D 143 19.22 17.73 -7.98
C ILE D 143 20.65 17.90 -7.49
N LYS D 144 21.21 19.06 -7.80
CA LYS D 144 22.55 19.38 -7.39
C LYS D 144 22.46 20.24 -6.12
N HIS D 145 23.13 19.82 -5.07
CA HIS D 145 23.13 20.60 -3.84
C HIS D 145 24.18 21.69 -4.06
N VAL D 146 23.73 22.87 -4.44
CA VAL D 146 24.63 23.99 -4.70
C VAL D 146 24.46 25.11 -3.67
N TYR D 160 19.73 25.35 -0.99
CA TYR D 160 20.13 25.75 -2.34
C TYR D 160 20.15 24.52 -3.24
N LEU D 161 19.08 24.36 -4.03
CA LEU D 161 18.96 23.22 -4.92
C LEU D 161 18.83 23.62 -6.39
N LYS D 162 19.61 22.97 -7.24
CA LYS D 162 19.55 23.24 -8.66
C LYS D 162 19.06 22.00 -9.38
N VAL D 163 17.93 22.10 -10.06
CA VAL D 163 17.38 20.97 -10.80
C VAL D 163 18.12 20.84 -12.13
N LEU D 164 18.69 19.66 -12.36
CA LEU D 164 19.45 19.39 -13.58
C LEU D 164 18.61 18.54 -14.52
N LYS D 165 18.84 18.68 -15.82
CA LYS D 165 18.07 17.90 -16.77
C LYS D 165 18.89 16.78 -17.41
N ALA D 166 18.23 15.68 -17.71
CA ALA D 166 18.91 14.61 -18.41
C ALA D 166 18.72 15.11 -19.84
N ALA D 167 19.73 15.01 -20.68
CA ALA D 167 19.60 15.48 -22.06
C ALA D 167 19.07 14.41 -23.01
N GLY D 168 19.18 13.16 -22.59
CA GLY D 168 18.73 12.03 -23.42
C GLY D 168 17.32 12.11 -23.98
N VAL D 169 17.02 11.19 -24.90
CA VAL D 169 15.72 11.13 -25.53
C VAL D 169 14.76 10.28 -24.70
N ILE D 176 15.04 3.49 -16.59
CA ILE D 176 16.30 3.84 -15.94
C ILE D 176 16.72 5.26 -16.33
N GLU D 177 17.11 6.04 -15.33
CA GLU D 177 17.53 7.42 -15.56
C GLU D 177 19.04 7.56 -15.43
N VAL D 178 19.63 8.37 -16.32
CA VAL D 178 21.06 8.60 -16.29
C VAL D 178 21.35 10.08 -16.50
N LEU D 179 22.25 10.62 -15.68
CA LEU D 179 22.64 12.01 -15.78
C LEU D 179 24.11 12.00 -16.17
N TYR D 180 24.43 12.61 -17.31
CA TYR D 180 25.82 12.67 -17.75
C TYR D 180 26.40 14.04 -17.47
N ILE D 181 27.60 14.05 -16.94
CA ILE D 181 28.30 15.29 -16.63
C ILE D 181 29.64 15.21 -17.37
N ARG D 182 29.71 15.89 -18.51
CA ARG D 182 30.91 15.90 -19.35
C ARG D 182 31.87 17.03 -19.02
N ASN D 183 33.16 16.80 -19.27
CA ASN D 183 34.20 17.80 -19.01
C ASN D 183 34.05 18.36 -17.60
N VAL D 184 34.00 17.45 -16.64
CA VAL D 184 33.85 17.84 -15.24
C VAL D 184 34.87 18.90 -14.83
N THR D 185 34.43 19.81 -13.97
CA THR D 185 35.31 20.86 -13.44
C THR D 185 35.19 20.75 -11.93
N PHE D 186 35.95 21.56 -11.20
CA PHE D 186 35.89 21.50 -9.75
C PHE D 186 34.52 21.98 -9.28
N GLU D 187 33.90 22.86 -10.06
CA GLU D 187 32.60 23.38 -9.73
C GLU D 187 31.53 22.28 -9.75
N ASP D 188 31.76 21.24 -10.55
CA ASP D 188 30.82 20.13 -10.65
C ASP D 188 30.82 19.29 -9.37
N ALA D 189 31.94 19.31 -8.66
CA ALA D 189 32.07 18.55 -7.43
C ALA D 189 30.92 18.85 -6.49
N GLY D 190 30.52 17.84 -5.71
CA GLY D 190 29.42 18.04 -4.78
C GLY D 190 28.47 16.86 -4.72
N GLU D 191 27.35 17.06 -4.04
CA GLU D 191 26.34 16.02 -3.87
C GLU D 191 25.23 16.10 -4.91
N TYR D 192 24.87 14.94 -5.47
CA TYR D 192 23.80 14.83 -6.46
C TYR D 192 22.69 13.92 -5.93
N THR D 193 21.45 14.34 -6.11
CA THR D 193 20.31 13.58 -5.62
C THR D 193 19.29 13.22 -6.69
N CYS D 194 18.78 11.98 -6.62
CA CYS D 194 17.74 11.53 -7.51
C CYS D 194 16.50 11.50 -6.63
N LEU D 195 15.56 12.40 -6.91
CA LEU D 195 14.34 12.56 -6.13
C LEU D 195 13.15 12.02 -6.91
N ALA D 196 12.43 11.04 -6.36
CA ALA D 196 11.27 10.49 -7.05
C ALA D 196 10.01 10.61 -6.21
N GLY D 197 8.90 10.92 -6.87
CA GLY D 197 7.65 11.06 -6.15
C GLY D 197 6.43 10.64 -6.93
N ASN D 198 5.42 10.12 -6.24
CA ASN D 198 4.16 9.75 -6.90
C ASN D 198 3.05 10.31 -6.03
N SER D 199 1.82 9.91 -6.31
CA SER D 199 0.66 10.40 -5.56
C SER D 199 0.61 9.93 -4.11
N ILE D 200 1.54 9.07 -3.70
CA ILE D 200 1.54 8.61 -2.32
C ILE D 200 2.62 9.32 -1.51
N GLY D 201 3.85 9.30 -2.02
CA GLY D 201 4.94 9.94 -1.30
C GLY D 201 6.20 10.11 -2.13
N ILE D 202 7.33 10.30 -1.44
CA ILE D 202 8.59 10.52 -2.12
C ILE D 202 9.72 9.69 -1.53
N SER D 203 10.80 9.57 -2.30
CA SER D 203 12.00 8.82 -1.91
C SER D 203 13.15 9.39 -2.71
N PHE D 204 14.36 9.36 -2.15
CA PHE D 204 15.51 9.90 -2.85
C PHE D 204 16.81 9.28 -2.36
N HIS D 205 17.77 9.17 -3.28
CA HIS D 205 19.09 8.62 -3.00
C HIS D 205 20.08 9.69 -3.42
N SER D 206 21.19 9.80 -2.70
CA SER D 206 22.20 10.81 -3.01
C SER D 206 23.59 10.23 -3.20
N ALA D 207 24.37 10.91 -4.03
CA ALA D 207 25.73 10.48 -4.33
C ALA D 207 26.69 11.68 -4.37
N TRP D 208 27.97 11.40 -4.19
CA TRP D 208 28.98 12.44 -4.20
C TRP D 208 29.93 12.35 -5.38
N LEU D 209 30.16 13.48 -6.03
CA LEU D 209 31.09 13.55 -7.15
C LEU D 209 32.39 14.17 -6.64
N THR D 210 33.47 13.41 -6.70
CA THR D 210 34.77 13.91 -6.28
C THR D 210 35.60 14.25 -7.51
N VAL D 211 36.15 15.46 -7.54
CA VAL D 211 36.98 15.88 -8.66
C VAL D 211 38.41 16.02 -8.17
N LEU D 212 39.35 15.42 -8.90
CA LEU D 212 40.76 15.46 -8.52
C LEU D 212 41.64 16.15 -9.56
#